data_4KH2
#
_entry.id   4KH2
#
_cell.length_a   258.839
_cell.length_b   258.839
_cell.length_c   71.362
_cell.angle_alpha   90.00
_cell.angle_beta   90.00
_cell.angle_gamma   120.00
#
_symmetry.space_group_name_H-M   'H 3'
#
loop_
_entity.id
_entity.type
_entity.pdbx_description
1 polymer Alpha-L-iduronidase
2 branched 2-acetamido-2-deoxy-beta-D-glucopyranose-(1-4)-2-acetamido-2-deoxy-beta-D-glucopyranose
3 branched alpha-D-mannopyranose-(1-3)-[alpha-D-mannopyranose-(1-6)]beta-D-mannopyranose-(1-4)-2-acetamido-2-deoxy-beta-D-glucopyranose-(1-4)-2-acetamido-2-deoxy-beta-D-glucopyranose
4 branched alpha-D-mannopyranose-(1-2)-alpha-D-mannopyranose-(1-6)-[alpha-D-mannopyranose-(1-3)]alpha-D-mannopyranose-(1-6)-[alpha-D-mannopyranose-(1-2)-alpha-D-mannopyranose-(1-3)]beta-D-mannopyranose-(1-4)-2-acetamido-2-deoxy-beta-D-glucopyranose-(1-4)-2-acetamido-2-deoxy-beta-D-glucopyranose
5 non-polymer 2-acetamido-2-deoxy-beta-D-glucopyranose
6 non-polymer GLYCEROL
7 non-polymer '2,6-anhydro-5-deoxy-5-fluoro-L-idonic acid'
8 non-polymer 'CHLORIDE ION'
9 non-polymer 'L(+)-TARTARIC ACID'
10 non-polymer 'S,R MESO-TARTARIC ACID'
11 water water
#
_entity_poly.entity_id   1
_entity_poly.type   'polypeptide(L)'
_entity_poly.pdbx_seq_one_letter_code
;EAPHLVQVDAARALWPLRRFWRSTGFCPPLPHSQADPYVLSWDQQLNLAYVGAVPHRGIKQVRTHWLLELVTTRGSTGQG
LSYNFTHLDGYLDLLRENQLLPGFELMGSASGHFTDFEDKQQVFEWKDLVSSLARRYIGRYGLAHVSKWNFETWNEPDHH
DFDNVSMTMQGFLNYYDACSEGLRAASPALRLGGPGDSFHTPPRSPLSWGLLRHCHDGTNFFTGEAGVRLDYISLHRKGA
RSSISILEQEKVVAQQIRQLFPKFADTPIYNDEADPLVGWSLPQPWRADVTYAAMVVKVIAQHQNLLLANTTSAFPYALL
SNDNAFLSYHPHPFAQRTLTARFQVNNTRPPHVQLLRKPVLTAMGLLALLDEEQLWAEVSQAGTVLDSNHTVGVLASAHR
PQGPADAWRAAVLIYASDDTRAHPNRSVAVTLRLRGVPPGPGLVYVTRYLDNGLCSPDGEWRRLGRPVFPTAEQFRRMRA
AEDPVAAAPRPLPAGGRLTLRPALRLPSLLLVHVCARPEKPPGQVTRLRALPLTQGQLVLVWSDEHVGSKCLWTYEIQFS
QDGKAYTPVSRKPSTFNLFVFSPDTGAVSGSYRVRALDYWARPGPFSDPVPYLEVPVPRGPPSPGNP
;
_entity_poly.pdbx_strand_id   A,B
#
# COMPACT_ATOMS: atom_id res chain seq x y z
N ALA A 2 34.00 10.28 16.16
CA ALA A 2 34.07 10.97 17.48
C ALA A 2 32.70 11.53 17.88
N PRO A 3 32.31 11.37 19.16
CA PRO A 3 30.95 11.71 19.61
C PRO A 3 30.69 13.21 19.66
N HIS A 4 29.41 13.59 19.63
CA HIS A 4 29.00 14.98 19.81
C HIS A 4 28.85 15.28 21.29
N LEU A 5 29.47 16.37 21.73
CA LEU A 5 29.35 16.82 23.11
C LEU A 5 28.33 17.95 23.21
N VAL A 6 27.24 17.70 23.94
CA VAL A 6 26.21 18.70 24.18
C VAL A 6 26.29 19.13 25.63
N GLN A 7 26.59 20.40 25.83
CA GLN A 7 26.81 20.94 27.17
C GLN A 7 25.76 21.99 27.47
N VAL A 8 25.14 21.88 28.65
CA VAL A 8 24.07 22.77 29.07
C VAL A 8 24.33 23.32 30.47
N ASP A 9 24.25 24.63 30.62
CA ASP A 9 24.43 25.30 31.93
C ASP A 9 23.11 25.85 32.47
N ALA A 10 22.55 25.13 33.45
CA ALA A 10 21.27 25.47 34.04
C ALA A 10 21.32 26.69 34.97
N ALA A 11 22.53 27.17 35.24
CA ALA A 11 22.73 28.35 36.09
C ALA A 11 22.81 29.64 35.26
N ARG A 12 22.94 29.48 33.95
CA ARG A 12 23.10 30.63 33.04
C ARG A 12 21.87 30.89 32.18
N ALA A 13 20.83 31.45 32.80
CA ALA A 13 19.64 31.91 32.08
C ALA A 13 19.97 33.21 31.34
N LEU A 14 20.24 33.09 30.04
CA LEU A 14 20.79 34.20 29.25
C LEU A 14 19.76 35.30 28.94
N TRP A 15 18.78 34.95 28.12
CA TRP A 15 17.77 35.90 27.64
C TRP A 15 16.40 35.21 27.58
N PRO A 16 15.32 35.99 27.40
CA PRO A 16 14.01 35.32 27.34
C PRO A 16 13.91 34.39 26.13
N LEU A 17 13.20 33.28 26.29
CA LEU A 17 12.88 32.39 25.19
C LEU A 17 11.38 32.46 24.90
N ARG A 18 11.04 32.98 23.73
CA ARG A 18 9.64 33.10 23.32
C ARG A 18 9.24 31.97 22.39
N ARG A 19 8.05 31.42 22.63
CA ARG A 19 7.51 30.35 21.79
C ARG A 19 6.87 30.94 20.53
N PHE A 20 7.71 31.22 19.53
CA PHE A 20 7.32 31.96 18.33
C PHE A 20 6.82 31.06 17.21
N TRP A 21 6.72 29.77 17.48
CA TRP A 21 6.43 28.75 16.46
C TRP A 21 5.05 28.12 16.63
N ARG A 22 4.25 28.67 17.53
CA ARG A 22 2.97 28.05 17.92
C ARG A 22 1.83 28.37 16.95
N SER A 23 2.08 28.12 15.66
CA SER A 23 1.13 28.43 14.61
C SER A 23 1.10 27.32 13.54
N THR A 24 -0.08 27.13 12.93
CA THR A 24 -0.23 26.27 11.77
C THR A 24 -1.16 26.95 10.78
N GLY A 25 -1.50 26.28 9.68
CA GLY A 25 -2.44 26.82 8.70
C GLY A 25 -2.90 25.82 7.66
N PHE A 26 -3.91 26.21 6.89
CA PHE A 26 -4.38 25.41 5.75
C PHE A 26 -5.25 26.21 4.80
N CYS A 27 -5.58 25.59 3.68
CA CYS A 27 -6.44 26.17 2.65
C CYS A 27 -7.55 25.16 2.28
N PRO A 28 -8.81 25.62 2.20
CA PRO A 28 -9.90 24.77 1.70
C PRO A 28 -9.76 24.47 0.20
N PRO A 29 -10.38 23.37 -0.29
CA PRO A 29 -10.21 22.99 -1.69
C PRO A 29 -11.26 23.60 -2.62
N TYR A 38 -16.42 22.42 3.70
CA TYR A 38 -15.27 21.60 4.06
C TYR A 38 -14.79 21.86 5.48
N VAL A 39 -14.69 23.14 5.85
CA VAL A 39 -14.18 23.54 7.17
C VAL A 39 -15.12 23.16 8.33
N LEU A 40 -16.35 22.77 8.01
CA LEU A 40 -17.33 22.39 9.03
C LEU A 40 -17.62 20.88 9.10
N SER A 41 -17.00 20.11 8.21
CA SER A 41 -17.20 18.66 8.18
C SER A 41 -16.62 17.99 9.43
N TRP A 42 -17.05 16.77 9.71
CA TRP A 42 -16.60 16.03 10.87
C TRP A 42 -15.09 15.81 10.84
N ASP A 43 -14.53 15.80 9.64
CA ASP A 43 -13.09 15.63 9.42
C ASP A 43 -12.31 16.79 10.06
N GLN A 44 -12.67 18.01 9.69
CA GLN A 44 -12.04 19.22 10.20
C GLN A 44 -12.24 19.36 11.71
N GLN A 45 -13.41 18.94 12.18
CA GLN A 45 -13.70 18.95 13.61
C GLN A 45 -12.71 18.08 14.38
N LEU A 46 -12.37 16.94 13.79
CA LEU A 46 -11.40 16.03 14.37
C LEU A 46 -9.98 16.60 14.27
N ASN A 47 -9.69 17.20 13.12
CA ASN A 47 -8.38 17.77 12.85
C ASN A 47 -7.97 18.86 13.84
N LEU A 48 -8.89 19.77 14.11
CA LEU A 48 -8.63 20.91 14.98
C LEU A 48 -8.67 20.48 16.44
N ALA A 49 -9.28 19.34 16.71
CA ALA A 49 -9.25 18.76 18.05
C ALA A 49 -7.86 18.21 18.32
N TYR A 50 -7.24 17.63 17.28
CA TYR A 50 -5.88 17.15 17.36
C TYR A 50 -4.91 18.31 17.51
N VAL A 51 -5.05 19.32 16.65
CA VAL A 51 -4.27 20.56 16.74
C VAL A 51 -4.40 21.19 18.13
N GLY A 52 -5.62 21.33 18.61
CA GLY A 52 -5.87 21.90 19.94
C GLY A 52 -5.34 21.07 21.09
N ALA A 53 -5.12 19.78 20.85
CA ALA A 53 -4.71 18.85 21.90
C ALA A 53 -3.21 18.86 22.18
N VAL A 54 -2.45 19.59 21.35
CA VAL A 54 -1.03 19.80 21.62
C VAL A 54 -0.92 20.54 22.95
N PRO A 55 -0.23 19.93 23.94
CA PRO A 55 -0.30 20.43 25.31
C PRO A 55 0.32 21.83 25.52
N HIS A 56 -0.13 22.50 26.58
CA HIS A 56 0.40 23.80 27.01
C HIS A 56 0.40 24.84 25.89
N ARG A 57 -0.73 24.92 25.21
CA ARG A 57 -0.96 25.85 24.09
C ARG A 57 0.09 25.72 22.99
N GLY A 58 0.56 24.50 22.78
CA GLY A 58 1.62 24.19 21.81
C GLY A 58 1.40 24.68 20.38
N ILE A 59 0.15 24.67 19.94
CA ILE A 59 -0.27 25.36 18.71
C ILE A 59 -1.42 26.29 19.04
N LYS A 60 -1.22 27.57 18.77
CA LYS A 60 -2.16 28.60 19.21
C LYS A 60 -3.01 29.16 18.08
N GLN A 61 -2.45 29.26 16.88
CA GLN A 61 -3.08 29.95 15.74
C GLN A 61 -3.24 29.07 14.50
N VAL A 62 -4.40 29.16 13.85
CA VAL A 62 -4.66 28.42 12.61
C VAL A 62 -4.90 29.41 11.45
N ARG A 63 -3.86 29.63 10.64
CA ARG A 63 -3.94 30.60 9.53
C ARG A 63 -4.75 30.02 8.39
N THR A 64 -6.00 30.45 8.29
CA THR A 64 -6.99 29.82 7.42
C THR A 64 -7.35 30.69 6.20
N HIS A 65 -7.17 30.16 5.00
CA HIS A 65 -7.53 30.86 3.76
C HIS A 65 -9.04 30.97 3.57
N TRP A 66 -9.45 31.88 2.69
CA TRP A 66 -10.83 32.05 2.21
C TRP A 66 -11.91 32.16 3.29
N LEU A 67 -11.58 32.78 4.41
CA LEU A 67 -12.54 32.96 5.51
C LEU A 67 -13.73 33.85 5.12
N LEU A 68 -13.55 34.68 4.10
CA LEU A 68 -14.65 35.54 3.65
C LEU A 68 -15.44 34.97 2.46
N GLU A 69 -15.37 33.65 2.33
CA GLU A 69 -16.28 32.91 1.46
C GLU A 69 -17.30 32.21 2.35
N LEU A 70 -17.05 32.27 3.66
CA LEU A 70 -17.95 31.75 4.69
C LEU A 70 -18.99 32.79 5.09
N VAL A 71 -19.14 33.83 4.25
CA VAL A 71 -20.10 34.90 4.46
C VAL A 71 -20.81 35.18 3.13
N THR A 72 -22.14 35.22 3.17
CA THR A 72 -22.94 35.48 1.98
C THR A 72 -23.68 36.82 2.03
N THR A 73 -23.99 37.36 0.85
CA THR A 73 -24.78 38.59 0.72
C THR A 73 -26.11 38.28 0.04
N LEU A 81 -27.77 46.38 2.19
CA LEU A 81 -26.70 45.39 2.08
C LEU A 81 -26.39 44.76 3.45
N SER A 82 -26.66 43.46 3.56
CA SER A 82 -26.45 42.74 4.82
C SER A 82 -25.68 41.43 4.58
N TYR A 83 -25.31 40.77 5.68
CA TYR A 83 -24.41 39.62 5.58
C TYR A 83 -24.87 38.45 6.45
N ASN A 84 -24.82 37.26 5.86
CA ASN A 84 -25.08 36.04 6.61
C ASN A 84 -23.76 35.47 7.13
N PHE A 85 -23.62 35.45 8.45
CA PHE A 85 -22.36 35.03 9.09
C PHE A 85 -22.36 33.58 9.61
N THR A 86 -23.44 32.84 9.35
CA THR A 86 -23.65 31.50 9.93
C THR A 86 -22.44 30.57 9.83
N HIS A 87 -21.89 30.42 8.63
CA HIS A 87 -20.76 29.52 8.40
C HIS A 87 -19.46 29.99 9.05
N LEU A 88 -19.15 31.27 8.88
CA LEU A 88 -17.99 31.87 9.56
C LEU A 88 -18.09 31.69 11.08
N ASP A 89 -19.28 31.92 11.63
CA ASP A 89 -19.58 31.68 13.05
C ASP A 89 -19.24 30.23 13.41
N GLY A 90 -19.54 29.32 12.48
CA GLY A 90 -19.29 27.90 12.65
C GLY A 90 -17.82 27.59 12.85
N TYR A 91 -17.02 28.00 11.87
CA TYR A 91 -15.58 27.75 11.92
C TYR A 91 -14.90 28.36 13.15
N LEU A 92 -15.25 29.63 13.44
CA LEU A 92 -14.65 30.33 14.57
C LEU A 92 -15.01 29.73 15.93
N ASP A 93 -16.26 29.27 16.08
CA ASP A 93 -16.68 28.57 17.30
C ASP A 93 -15.89 27.29 17.47
N LEU A 94 -15.63 26.61 16.34
CA LEU A 94 -14.83 25.39 16.32
C LEU A 94 -13.39 25.67 16.79
N LEU A 95 -12.81 26.77 16.28
CA LEU A 95 -11.50 27.22 16.75
C LEU A 95 -11.55 27.55 18.23
N ARG A 96 -12.50 28.39 18.61
CA ARG A 96 -12.66 28.83 19.99
C ARG A 96 -12.84 27.68 20.97
N GLU A 97 -13.52 26.61 20.53
CA GLU A 97 -13.75 25.44 21.39
C GLU A 97 -12.48 24.61 21.57
N ASN A 98 -11.58 24.68 20.60
CA ASN A 98 -10.31 23.95 20.68
C ASN A 98 -9.14 24.77 21.24
N GLN A 99 -9.49 25.89 21.87
CA GLN A 99 -8.50 26.83 22.40
C GLN A 99 -7.52 27.28 21.30
N LEU A 100 -8.09 27.72 20.19
CA LEU A 100 -7.31 28.16 19.02
C LEU A 100 -7.81 29.51 18.51
N LEU A 101 -6.88 30.30 17.97
CA LEU A 101 -7.21 31.59 17.39
C LEU A 101 -7.07 31.51 15.87
N PRO A 102 -7.82 32.34 15.14
CA PRO A 102 -7.66 32.32 13.69
C PRO A 102 -6.54 33.24 13.18
N GLY A 103 -5.70 32.74 12.29
CA GLY A 103 -4.85 33.60 11.49
C GLY A 103 -5.83 34.19 10.50
N PHE A 104 -6.43 35.32 10.87
CA PHE A 104 -7.57 35.84 10.12
C PHE A 104 -7.16 36.60 8.85
N GLU A 105 -7.06 35.86 7.75
CA GLU A 105 -6.78 36.49 6.47
C GLU A 105 -8.07 37.09 5.91
N LEU A 106 -8.02 38.37 5.62
CA LEU A 106 -9.18 39.05 5.07
C LEU A 106 -9.27 38.72 3.59
N MET A 107 -9.76 37.52 3.32
CA MET A 107 -9.60 36.87 2.03
C MET A 107 -10.94 36.26 1.59
N GLY A 108 -11.50 36.81 0.51
CA GLY A 108 -12.80 36.35 0.01
C GLY A 108 -13.58 37.43 -0.70
N SER A 109 -14.69 37.06 -1.33
CA SER A 109 -15.50 37.99 -2.13
C SER A 109 -16.86 38.22 -1.49
N ALA A 110 -17.04 37.65 -0.30
CA ALA A 110 -18.34 37.55 0.36
C ALA A 110 -19.34 36.82 -0.53
N SER A 111 -18.83 35.80 -1.21
CA SER A 111 -19.60 34.94 -2.11
C SER A 111 -20.12 35.70 -3.32
N GLY A 112 -19.20 36.38 -4.00
CA GLY A 112 -19.47 36.97 -5.31
C GLY A 112 -19.73 38.47 -5.36
N HIS A 113 -19.99 39.08 -4.21
CA HIS A 113 -20.35 40.51 -4.18
C HIS A 113 -19.21 41.45 -4.59
N PHE A 114 -18.02 41.20 -4.03
CA PHE A 114 -16.87 42.06 -4.28
C PHE A 114 -16.11 41.64 -5.54
N THR A 115 -15.89 42.59 -6.45
CA THR A 115 -15.24 42.29 -7.74
C THR A 115 -14.14 43.28 -8.16
N ASP A 116 -14.10 44.47 -7.55
CA ASP A 116 -13.23 45.54 -8.01
C ASP A 116 -12.91 46.54 -6.91
N PHE A 117 -11.64 46.57 -6.49
CA PHE A 117 -11.22 47.45 -5.40
C PHE A 117 -10.71 48.81 -5.87
N GLU A 118 -10.85 49.09 -7.16
CA GLU A 118 -10.65 50.45 -7.66
C GLU A 118 -11.99 51.17 -7.83
N ASP A 119 -13.08 50.46 -7.53
CA ASP A 119 -14.42 51.02 -7.47
C ASP A 119 -14.65 51.58 -6.06
N LYS A 120 -14.74 52.91 -5.96
CA LYS A 120 -14.89 53.61 -4.68
C LYS A 120 -15.97 52.99 -3.77
N GLN A 121 -17.14 52.72 -4.34
CA GLN A 121 -18.28 52.17 -3.59
C GLN A 121 -17.94 50.87 -2.87
N GLN A 122 -17.21 50.00 -3.56
CA GLN A 122 -16.84 48.69 -3.03
C GLN A 122 -15.80 48.79 -1.91
N VAL A 123 -14.89 49.76 -2.03
CA VAL A 123 -13.89 49.99 -0.99
C VAL A 123 -14.57 50.36 0.33
N PHE A 124 -15.54 51.27 0.26
CA PHE A 124 -16.34 51.63 1.42
C PHE A 124 -17.09 50.42 2.01
N GLU A 125 -17.66 49.60 1.14
CA GLU A 125 -18.37 48.39 1.57
C GLU A 125 -17.45 47.39 2.28
N TRP A 126 -16.23 47.25 1.77
CA TRP A 126 -15.25 46.38 2.40
C TRP A 126 -14.94 46.81 3.84
N LYS A 127 -14.77 48.12 4.02
CA LYS A 127 -14.54 48.70 5.34
C LYS A 127 -15.66 48.36 6.32
N ASP A 128 -16.91 48.47 5.85
CA ASP A 128 -18.08 48.21 6.69
C ASP A 128 -18.29 46.73 7.00
N LEU A 129 -18.01 45.86 6.03
CA LEU A 129 -17.96 44.42 6.30
C LEU A 129 -16.93 44.10 7.38
N VAL A 130 -15.73 44.67 7.26
CA VAL A 130 -14.65 44.39 8.21
C VAL A 130 -15.03 44.81 9.62
N SER A 131 -15.60 46.02 9.72
CA SER A 131 -16.13 46.53 10.99
C SER A 131 -17.23 45.64 11.56
N SER A 132 -18.21 45.28 10.71
CA SER A 132 -19.30 44.36 11.09
C SER A 132 -18.76 43.07 11.70
N LEU A 133 -17.90 42.38 10.95
CA LEU A 133 -17.41 41.08 11.38
C LEU A 133 -16.55 41.21 12.64
N ALA A 134 -15.68 42.22 12.65
CA ALA A 134 -14.85 42.50 13.80
C ALA A 134 -15.68 42.77 15.05
N ARG A 135 -16.63 43.71 14.95
CA ARG A 135 -17.51 44.03 16.08
C ARG A 135 -18.35 42.83 16.52
N ARG A 136 -18.85 42.08 15.53
CA ARG A 136 -19.60 40.85 15.78
C ARG A 136 -18.86 39.89 16.70
N TYR A 137 -17.60 39.61 16.37
CA TYR A 137 -16.84 38.61 17.11
C TYR A 137 -16.23 39.15 18.41
N ILE A 138 -15.94 40.45 18.44
CA ILE A 138 -15.68 41.15 19.71
C ILE A 138 -16.87 40.94 20.64
N GLY A 139 -18.08 41.17 20.12
CA GLY A 139 -19.31 40.86 20.85
C GLY A 139 -19.45 39.39 21.21
N ARG A 140 -18.99 38.50 20.33
CA ARG A 140 -19.14 37.06 20.54
C ARG A 140 -18.14 36.49 21.53
N TYR A 141 -16.89 36.94 21.49
CA TYR A 141 -15.82 36.35 22.29
C TYR A 141 -15.23 37.24 23.38
N GLY A 142 -15.37 38.55 23.22
CA GLY A 142 -14.73 39.52 24.12
C GLY A 142 -13.55 40.14 23.42
N LEU A 143 -13.34 41.44 23.65
CA LEU A 143 -12.26 42.20 23.04
C LEU A 143 -10.88 41.70 23.47
N ALA A 144 -10.79 41.27 24.73
CA ALA A 144 -9.57 40.67 25.26
C ALA A 144 -9.06 39.49 24.41
N HIS A 145 -10.00 38.78 23.80
CA HIS A 145 -9.67 37.64 22.94
C HIS A 145 -9.41 38.01 21.47
N VAL A 146 -10.25 38.89 20.91
CA VAL A 146 -10.16 39.24 19.49
C VAL A 146 -8.96 40.15 19.17
N SER A 147 -8.45 40.85 20.17
CA SER A 147 -7.23 41.66 20.03
C SER A 147 -6.01 40.80 19.70
N LYS A 148 -5.98 39.60 20.26
CA LYS A 148 -4.88 38.65 20.04
C LYS A 148 -4.79 38.12 18.60
N TRP A 149 -5.88 38.22 17.85
CA TRP A 149 -5.96 37.68 16.49
C TRP A 149 -5.03 38.41 15.52
N ASN A 150 -4.28 37.67 14.71
CA ASN A 150 -3.48 38.30 13.65
C ASN A 150 -4.32 38.49 12.39
N PHE A 151 -5.07 39.58 12.34
CA PHE A 151 -5.75 39.92 11.09
C PHE A 151 -4.69 40.17 10.04
N GLU A 152 -4.89 39.60 8.86
CA GLU A 152 -3.89 39.67 7.81
C GLU A 152 -4.56 39.98 6.47
N THR A 153 -3.77 40.52 5.53
CA THR A 153 -4.27 40.73 4.18
C THR A 153 -4.50 39.40 3.46
N TRP A 154 -5.13 39.50 2.29
CA TRP A 154 -5.31 38.42 1.34
C TRP A 154 -3.98 37.69 1.14
N ASN A 155 -4.04 36.36 1.07
CA ASN A 155 -2.81 35.57 0.90
C ASN A 155 -2.12 35.83 -0.43
N GLU A 156 -0.78 35.82 -0.38
CA GLU A 156 0.08 35.98 -1.55
C GLU A 156 -0.51 36.84 -2.66
N PRO A 157 -0.63 38.17 -2.42
CA PRO A 157 -1.22 39.09 -3.39
C PRO A 157 -0.45 39.20 -4.71
N ASP A 158 0.83 38.82 -4.70
CA ASP A 158 1.63 38.82 -5.93
C ASP A 158 1.57 37.50 -6.69
N HIS A 159 0.74 36.58 -6.22
CA HIS A 159 0.59 35.26 -6.85
C HIS A 159 -0.77 35.07 -7.54
N HIS A 160 -1.41 36.19 -7.90
CA HIS A 160 -2.60 36.21 -8.78
C HIS A 160 -3.80 35.39 -8.32
N ASP A 161 -3.81 35.01 -7.04
CA ASP A 161 -4.84 34.14 -6.49
C ASP A 161 -6.02 34.96 -5.95
N PHE A 162 -6.81 35.52 -6.87
CA PHE A 162 -7.89 36.43 -6.50
C PHE A 162 -9.30 36.02 -6.96
N ASP A 163 -9.39 34.89 -7.68
CA ASP A 163 -10.64 34.44 -8.29
C ASP A 163 -11.19 35.49 -9.28
N ASN A 164 -12.45 35.87 -9.09
CA ASN A 164 -13.09 36.86 -9.97
C ASN A 164 -12.93 38.30 -9.49
N VAL A 165 -12.13 38.50 -8.45
CA VAL A 165 -11.87 39.83 -7.89
C VAL A 165 -10.70 40.48 -8.62
N SER A 166 -10.93 41.70 -9.10
CA SER A 166 -9.87 42.50 -9.72
C SER A 166 -9.07 43.22 -8.64
N MET A 167 -7.81 42.83 -8.48
CA MET A 167 -6.92 43.43 -7.48
C MET A 167 -5.66 43.96 -8.13
N THR A 168 -5.72 45.21 -8.59
CA THR A 168 -4.56 45.88 -9.15
C THR A 168 -3.64 46.38 -8.03
N MET A 169 -2.63 47.16 -8.41
CA MET A 169 -1.69 47.74 -7.47
C MET A 169 -2.42 48.74 -6.58
N GLN A 170 -3.05 49.73 -7.21
CA GLN A 170 -3.87 50.73 -6.50
C GLN A 170 -4.98 50.07 -5.69
N GLY A 171 -5.65 49.09 -6.30
CA GLY A 171 -6.73 48.35 -5.66
C GLY A 171 -6.30 47.65 -4.40
N PHE A 172 -5.08 47.11 -4.39
CA PHE A 172 -4.58 46.44 -3.20
C PHE A 172 -4.39 47.41 -2.04
N LEU A 173 -3.95 48.63 -2.35
CA LEU A 173 -3.74 49.67 -1.34
C LEU A 173 -5.07 50.18 -0.78
N ASN A 174 -6.05 50.37 -1.67
CA ASN A 174 -7.41 50.68 -1.27
C ASN A 174 -7.97 49.60 -0.34
N TYR A 175 -7.80 48.35 -0.76
CA TYR A 175 -8.23 47.18 0.00
C TYR A 175 -7.61 47.18 1.39
N TYR A 176 -6.31 47.45 1.47
CA TYR A 176 -5.61 47.47 2.77
C TYR A 176 -6.18 48.55 3.68
N ASP A 177 -6.36 49.75 3.12
CA ASP A 177 -6.89 50.87 3.89
C ASP A 177 -8.30 50.57 4.43
N ALA A 178 -9.14 49.95 3.60
CA ALA A 178 -10.44 49.48 4.04
C ALA A 178 -10.31 48.46 5.18
N CYS A 179 -9.33 47.56 5.05
CA CYS A 179 -9.05 46.57 6.08
C CYS A 179 -8.65 47.26 7.39
N SER A 180 -7.69 48.18 7.30
CA SER A 180 -7.17 48.90 8.46
C SER A 180 -8.17 49.85 9.10
N GLU A 181 -8.84 50.67 8.29
CA GLU A 181 -9.87 51.58 8.79
C GLU A 181 -11.09 50.85 9.32
N GLY A 182 -11.41 49.70 8.73
CA GLY A 182 -12.48 48.85 9.20
C GLY A 182 -12.23 48.24 10.57
N LEU A 183 -11.04 47.68 10.76
CA LEU A 183 -10.67 47.06 12.03
C LEU A 183 -10.56 48.11 13.14
N ARG A 184 -10.04 49.28 12.80
CA ARG A 184 -9.95 50.41 13.72
C ARG A 184 -11.35 50.84 14.14
N ALA A 185 -12.25 50.95 13.17
CA ALA A 185 -13.67 51.23 13.42
C ALA A 185 -14.27 50.26 14.45
N ALA A 186 -13.83 49.00 14.41
CA ALA A 186 -14.27 48.03 15.42
C ALA A 186 -13.60 48.36 16.73
N SER A 187 -12.28 48.47 16.69
CA SER A 187 -11.47 48.83 17.86
C SER A 187 -10.03 49.11 17.43
N PRO A 188 -9.41 50.15 18.03
CA PRO A 188 -7.99 50.45 17.78
C PRO A 188 -7.02 49.42 18.36
N ALA A 189 -7.51 48.52 19.21
CA ALA A 189 -6.68 47.49 19.82
C ALA A 189 -6.39 46.32 18.87
N LEU A 190 -7.09 46.28 17.74
CA LEU A 190 -6.98 45.13 16.84
C LEU A 190 -5.70 45.20 16.02
N ARG A 191 -5.05 44.05 15.85
CA ARG A 191 -3.77 43.96 15.16
C ARG A 191 -3.97 43.62 13.68
N LEU A 192 -3.19 44.25 12.80
CA LEU A 192 -3.26 43.97 11.35
C LEU A 192 -1.89 44.03 10.66
N GLY A 193 -1.58 43.00 9.88
CA GLY A 193 -0.33 42.94 9.13
C GLY A 193 -0.49 42.36 7.74
N GLY A 194 0.64 42.21 7.05
CA GLY A 194 0.67 41.76 5.66
C GLY A 194 2.09 41.99 5.13
N PRO A 195 2.31 41.74 3.81
CA PRO A 195 1.38 41.28 2.79
C PRO A 195 1.17 39.77 2.77
N GLY A 196 2.02 39.03 3.48
CA GLY A 196 1.97 37.57 3.44
C GLY A 196 2.42 37.01 2.12
N ASP A 197 3.56 37.48 1.63
CA ASP A 197 4.12 37.04 0.36
C ASP A 197 5.64 36.95 0.44
N SER A 198 6.28 36.62 -0.68
CA SER A 198 7.68 36.18 -0.67
C SER A 198 8.75 37.28 -0.76
N PHE A 199 8.38 38.47 -1.25
CA PHE A 199 9.28 39.63 -1.36
C PHE A 199 10.51 39.37 -2.25
N HIS A 200 10.28 38.99 -3.49
CA HIS A 200 11.39 38.76 -4.41
C HIS A 200 11.98 40.09 -4.85
N THR A 201 13.23 40.05 -5.32
CA THR A 201 13.92 41.23 -5.85
C THR A 201 13.06 41.96 -6.88
N PRO A 202 12.88 43.29 -6.73
CA PRO A 202 12.14 44.10 -7.70
C PRO A 202 12.79 44.03 -9.09
N PRO A 203 11.99 44.18 -10.17
CA PRO A 203 10.56 44.50 -10.31
C PRO A 203 9.56 43.45 -9.80
N ARG A 204 10.05 42.29 -9.37
CA ARG A 204 9.16 41.26 -8.81
C ARG A 204 8.51 41.72 -7.50
N SER A 205 7.45 41.00 -7.11
CA SER A 205 6.67 41.27 -5.89
C SER A 205 6.16 42.71 -5.69
N PRO A 206 5.64 43.35 -6.77
CA PRO A 206 5.33 44.79 -6.70
C PRO A 206 4.23 45.21 -5.71
N LEU A 207 3.31 44.30 -5.39
CA LEU A 207 2.24 44.60 -4.44
C LEU A 207 2.69 44.40 -3.00
N SER A 208 3.69 43.55 -2.80
CA SER A 208 4.33 43.40 -1.51
C SER A 208 5.14 44.66 -1.20
N TRP A 209 6.00 45.03 -2.15
CA TRP A 209 6.83 46.23 -2.02
C TRP A 209 5.98 47.49 -2.01
N GLY A 210 4.89 47.47 -2.79
CA GLY A 210 4.00 48.60 -2.91
C GLY A 210 3.26 48.91 -1.62
N LEU A 211 2.93 47.85 -0.87
CA LEU A 211 2.19 47.98 0.38
C LEU A 211 3.00 48.70 1.45
N LEU A 212 4.27 48.29 1.60
CA LEU A 212 5.17 48.88 2.59
C LEU A 212 5.46 50.35 2.28
N ARG A 213 5.58 50.68 1.00
CA ARG A 213 5.77 52.07 0.59
C ARG A 213 4.52 52.88 0.94
N HIS A 214 3.36 52.27 0.73
CA HIS A 214 2.09 52.90 0.99
C HIS A 214 1.90 53.17 2.48
N CYS A 215 2.10 52.14 3.30
CA CYS A 215 2.02 52.30 4.76
C CYS A 215 3.07 53.29 5.29
N HIS A 216 4.25 53.30 4.67
CA HIS A 216 5.36 54.15 5.12
C HIS A 216 5.18 55.60 4.69
N ASP A 217 4.77 55.80 3.44
CA ASP A 217 4.81 57.13 2.83
C ASP A 217 3.54 57.55 2.09
N GLY A 218 2.66 56.60 1.79
CA GLY A 218 1.42 56.89 1.06
C GLY A 218 0.33 57.54 1.89
N THR A 219 -0.76 57.93 1.25
CA THR A 219 -1.88 58.57 1.94
C THR A 219 -3.07 57.63 2.05
N ASN A 220 -3.64 57.57 3.26
CA ASN A 220 -4.82 56.78 3.56
C ASN A 220 -5.99 57.09 2.63
N PHE A 221 -6.71 56.04 2.22
CA PHE A 221 -7.88 56.16 1.36
C PHE A 221 -9.00 56.96 2.00
N PHE A 222 -9.11 56.88 3.33
CA PHE A 222 -10.26 57.42 4.05
C PHE A 222 -9.99 58.71 4.83
N THR A 223 -8.78 58.86 5.35
CA THR A 223 -8.47 60.00 6.20
C THR A 223 -7.56 61.00 5.51
N GLY A 224 -6.88 60.55 4.45
CA GLY A 224 -5.90 61.38 3.74
C GLY A 224 -4.60 61.58 4.51
N GLU A 225 -4.48 60.97 5.68
CA GLU A 225 -3.28 61.11 6.51
C GLU A 225 -2.11 60.33 5.93
N ALA A 226 -0.92 60.92 6.04
CA ALA A 226 0.30 60.32 5.52
C ALA A 226 0.73 59.13 6.38
N GLY A 227 1.04 58.02 5.71
CA GLY A 227 1.37 56.77 6.37
C GLY A 227 0.12 56.01 6.81
N VAL A 228 0.21 54.68 6.84
CA VAL A 228 -0.88 53.85 7.35
C VAL A 228 -0.33 52.79 8.31
N ARG A 229 -1.09 52.52 9.36
CA ARG A 229 -0.80 51.46 10.32
C ARG A 229 -0.40 50.16 9.63
N LEU A 230 0.65 49.53 10.18
CA LEU A 230 1.12 48.22 9.74
C LEU A 230 1.80 47.55 10.93
N ASP A 231 1.07 46.68 11.62
CA ASP A 231 1.51 46.14 12.91
C ASP A 231 2.56 45.04 12.82
N TYR A 232 2.54 44.29 11.72
CA TYR A 232 3.59 43.31 11.42
C TYR A 232 3.78 43.13 9.92
N ILE A 233 4.96 42.63 9.54
CA ILE A 233 5.26 42.32 8.16
C ILE A 233 5.42 40.81 8.02
N SER A 234 4.53 40.22 7.22
CA SER A 234 4.58 38.78 6.99
C SER A 234 5.14 38.47 5.62
N LEU A 235 6.02 37.49 5.59
CA LEU A 235 6.61 37.00 4.36
C LEU A 235 6.40 35.49 4.24
N HIS A 236 6.57 34.96 3.03
CA HIS A 236 6.58 33.51 2.82
C HIS A 236 7.93 33.08 2.25
N ARG A 237 8.72 32.36 3.03
CA ARG A 237 9.98 31.80 2.53
C ARG A 237 10.12 30.32 2.89
N LYS A 238 10.32 29.52 1.85
CA LYS A 238 10.48 28.06 1.97
C LYS A 238 11.90 27.64 1.60
N GLY A 239 12.34 26.49 2.11
CA GLY A 239 13.74 26.13 2.05
C GLY A 239 14.18 25.18 0.97
N ALA A 240 13.25 24.78 0.11
CA ALA A 240 13.52 23.81 -0.97
C ALA A 240 14.36 22.63 -0.45
N ARG A 241 13.88 22.02 0.63
CA ARG A 241 14.52 20.86 1.29
C ARG A 241 15.68 21.21 2.22
N SER A 242 16.20 22.43 2.11
CA SER A 242 17.21 22.93 3.04
C SER A 242 16.55 23.69 4.20
N SER A 243 17.07 23.46 5.41
CA SER A 243 16.52 24.09 6.61
C SER A 243 17.09 25.49 6.81
N ILE A 244 18.42 25.60 6.81
CA ILE A 244 19.10 26.86 7.04
C ILE A 244 18.84 27.90 5.93
N SER A 245 18.36 27.44 4.78
CA SER A 245 18.05 28.31 3.65
C SER A 245 16.87 29.23 3.94
N ILE A 246 15.91 28.73 4.71
CA ILE A 246 14.78 29.52 5.20
C ILE A 246 15.30 30.77 5.92
N LEU A 247 16.16 30.53 6.92
CA LEU A 247 16.75 31.59 7.74
C LEU A 247 17.62 32.54 6.92
N GLU A 248 18.37 31.99 5.98
CA GLU A 248 19.21 32.78 5.09
C GLU A 248 18.37 33.71 4.21
N GLN A 249 17.22 33.23 3.77
CA GLN A 249 16.33 34.00 2.90
C GLN A 249 15.63 35.12 3.66
N GLU A 250 15.30 34.85 4.92
CA GLU A 250 14.63 35.82 5.77
C GLU A 250 15.53 37.03 6.06
N LYS A 251 16.82 36.76 6.27
CA LYS A 251 17.80 37.80 6.61
C LYS A 251 17.97 38.78 5.46
N VAL A 252 18.07 38.26 4.25
CA VAL A 252 18.15 39.10 3.06
C VAL A 252 16.94 40.05 3.01
N VAL A 253 15.75 39.51 3.26
CA VAL A 253 14.52 40.31 3.17
C VAL A 253 14.42 41.31 4.33
N ALA A 254 14.63 40.82 5.55
CA ALA A 254 14.55 41.65 6.75
C ALA A 254 15.50 42.84 6.70
N GLN A 255 16.75 42.59 6.29
CA GLN A 255 17.76 43.63 6.14
C GLN A 255 17.42 44.64 5.05
N GLN A 256 16.79 44.18 3.96
CA GLN A 256 16.34 45.08 2.91
C GLN A 256 15.20 45.99 3.39
N ILE A 257 14.35 45.46 4.25
CA ILE A 257 13.25 46.23 4.83
C ILE A 257 13.79 47.29 5.80
N ARG A 258 14.78 46.89 6.60
CA ARG A 258 15.45 47.77 7.55
C ARG A 258 16.03 49.03 6.89
N GLN A 259 16.64 48.87 5.71
CA GLN A 259 17.32 49.97 5.05
C GLN A 259 16.41 50.80 4.17
N LEU A 260 15.41 50.17 3.59
CA LEU A 260 14.50 50.83 2.65
C LEU A 260 13.34 51.51 3.38
N PHE A 261 12.93 50.95 4.52
CA PHE A 261 11.84 51.50 5.32
C PHE A 261 12.25 51.64 6.78
N PRO A 262 12.91 52.77 7.13
CA PRO A 262 13.41 53.03 8.49
C PRO A 262 12.35 53.00 9.59
N LYS A 263 11.11 53.36 9.27
CA LYS A 263 10.03 53.32 10.27
C LYS A 263 9.63 51.89 10.67
N PHE A 264 10.03 50.92 9.85
CA PHE A 264 9.68 49.52 10.09
C PHE A 264 10.84 48.70 10.64
N ALA A 265 11.89 49.38 11.12
CA ALA A 265 13.06 48.70 11.68
C ALA A 265 12.73 47.87 12.93
N ASP A 266 11.65 48.24 13.62
CA ASP A 266 11.23 47.53 14.83
C ASP A 266 9.92 46.79 14.61
N THR A 267 9.40 46.84 13.38
CA THR A 267 8.16 46.17 13.03
C THR A 267 8.37 44.66 12.99
N PRO A 268 7.57 43.89 13.76
CA PRO A 268 7.66 42.44 13.81
C PRO A 268 7.55 41.81 12.44
N ILE A 269 8.40 40.81 12.19
CA ILE A 269 8.36 40.04 10.95
C ILE A 269 7.89 38.61 11.24
N TYR A 270 6.86 38.20 10.50
CA TYR A 270 6.35 36.84 10.54
C TYR A 270 6.78 36.11 9.28
N ASN A 271 7.22 34.86 9.42
CA ASN A 271 7.19 33.94 8.29
C ASN A 271 6.08 32.92 8.52
N ASP A 272 4.97 33.15 7.91
CA ASP A 272 3.77 32.37 8.21
C ASP A 272 3.45 31.29 7.14
N GLU A 273 4.47 31.00 6.32
CA GLU A 273 4.61 29.65 5.73
C GLU A 273 6.09 29.37 5.51
N ALA A 274 6.76 28.83 6.60
CA ALA A 274 8.19 28.57 6.62
C ALA A 274 8.46 27.08 6.45
N ASP A 275 7.87 26.49 5.43
CA ASP A 275 7.92 25.05 5.22
C ASP A 275 9.18 24.60 4.50
N PRO A 276 9.68 23.40 4.83
CA PRO A 276 10.83 22.79 4.14
C PRO A 276 10.73 22.77 2.62
N LEU A 277 9.53 22.57 2.08
CA LEU A 277 9.33 22.46 0.65
C LEU A 277 7.93 22.91 0.23
N VAL A 278 7.88 23.78 -0.78
CA VAL A 278 6.63 24.26 -1.35
C VAL A 278 5.83 23.12 -1.96
N GLY A 279 4.50 23.19 -1.86
CA GLY A 279 3.61 22.18 -2.43
C GLY A 279 3.22 21.09 -1.44
N TRP A 280 2.22 21.39 -0.61
CA TRP A 280 1.80 20.52 0.50
C TRP A 280 1.35 19.13 0.09
N SER A 281 0.73 19.02 -1.09
CA SER A 281 0.05 17.80 -1.52
C SER A 281 0.99 16.81 -2.20
N LEU A 282 2.14 17.32 -2.65
CA LEU A 282 3.18 16.48 -3.20
C LEU A 282 3.61 15.47 -2.15
N PRO A 283 3.46 14.16 -2.46
CA PRO A 283 3.81 13.11 -1.52
C PRO A 283 5.32 13.01 -1.33
N GLN A 284 5.75 13.04 -0.07
CA GLN A 284 7.18 12.94 0.26
C GLN A 284 7.32 11.98 1.45
N PRO A 285 8.15 10.94 1.30
CA PRO A 285 8.31 9.93 2.35
C PRO A 285 8.78 10.54 3.67
N TRP A 286 9.59 11.58 3.59
CA TRP A 286 10.13 12.26 4.78
C TRP A 286 9.06 13.05 5.52
N ARG A 287 8.02 13.48 4.81
CA ARG A 287 6.87 14.14 5.42
C ARG A 287 6.04 13.22 6.30
N ALA A 288 6.28 11.91 6.18
CA ALA A 288 5.48 10.90 6.86
C ALA A 288 5.84 10.66 8.33
N ASP A 289 7.12 10.86 8.69
CA ASP A 289 7.61 10.38 9.98
C ASP A 289 8.43 11.39 10.78
N VAL A 290 9.46 10.89 11.46
CA VAL A 290 10.32 11.71 12.32
C VAL A 290 11.30 12.56 11.51
N THR A 291 11.54 12.19 10.25
CA THR A 291 12.37 13.02 9.38
C THR A 291 11.80 14.44 9.31
N TYR A 292 10.50 14.55 9.06
CA TYR A 292 9.81 15.85 9.06
C TYR A 292 9.78 16.50 10.44
N ALA A 293 9.43 15.73 11.46
CA ALA A 293 9.37 16.21 12.84
C ALA A 293 10.69 16.86 13.29
N ALA A 294 11.80 16.16 13.07
CA ALA A 294 13.10 16.64 13.52
C ALA A 294 13.59 17.87 12.74
N MET A 295 13.24 17.96 11.46
CA MET A 295 13.63 19.09 10.64
C MET A 295 12.94 20.39 11.11
N VAL A 296 11.66 20.29 11.44
CA VAL A 296 10.87 21.40 11.98
C VAL A 296 11.51 21.93 13.28
N VAL A 297 11.93 21.01 14.14
CA VAL A 297 12.58 21.35 15.40
C VAL A 297 13.95 21.99 15.15
N LYS A 298 14.67 21.46 14.16
CA LYS A 298 15.95 22.00 13.70
C LYS A 298 15.81 23.45 13.19
N VAL A 299 14.82 23.68 12.34
CA VAL A 299 14.49 24.99 11.80
C VAL A 299 14.25 26.00 12.92
N ILE A 300 13.45 25.60 13.91
CA ILE A 300 13.14 26.44 15.08
C ILE A 300 14.40 26.73 15.90
N ALA A 301 15.23 25.72 16.11
CA ALA A 301 16.48 25.89 16.86
C ALA A 301 17.40 26.88 16.14
N GLN A 302 17.41 26.79 14.81
CA GLN A 302 18.23 27.69 13.99
C GLN A 302 17.77 29.12 14.19
N HIS A 303 16.46 29.32 14.22
CA HIS A 303 15.88 30.65 14.36
C HIS A 303 16.11 31.26 15.74
N GLN A 304 16.02 30.43 16.78
CA GLN A 304 16.33 30.88 18.12
C GLN A 304 17.81 31.17 18.27
N ASN A 305 18.66 30.24 17.84
CA ASN A 305 20.10 30.35 18.07
C ASN A 305 20.88 31.24 17.12
N LEU A 306 20.43 31.35 15.87
CA LEU A 306 21.18 32.11 14.87
C LEU A 306 20.47 33.38 14.41
N LEU A 307 19.47 33.81 15.19
CA LEU A 307 18.72 35.01 14.85
C LEU A 307 18.23 35.80 16.07
N LEU A 308 17.77 35.09 17.09
CA LEU A 308 17.18 35.73 18.27
C LEU A 308 18.03 35.63 19.54
N ALA A 309 19.14 34.90 19.47
CA ALA A 309 20.03 34.74 20.62
C ALA A 309 20.95 35.96 20.76
N ASN A 310 20.33 37.10 21.07
CA ASN A 310 21.02 38.39 21.21
C ASN A 310 22.16 38.60 20.19
N THR A 311 21.82 38.42 18.91
CA THR A 311 22.76 38.65 17.81
C THR A 311 22.98 40.15 17.63
N THR A 312 24.11 40.51 17.02
CA THR A 312 24.47 41.92 16.84
C THR A 312 23.59 42.65 15.81
N SER A 313 22.95 41.88 14.93
CA SER A 313 21.98 42.45 13.97
C SER A 313 20.54 42.46 14.51
N ALA A 314 20.18 41.41 15.26
CA ALA A 314 18.89 41.29 15.96
C ALA A 314 17.65 41.84 15.24
N PHE A 315 17.21 41.14 14.20
CA PHE A 315 15.96 41.47 13.50
C PHE A 315 14.75 41.11 14.38
N PRO A 316 13.66 41.91 14.30
CA PRO A 316 12.45 41.65 15.09
C PRO A 316 11.60 40.52 14.53
N TYR A 317 12.15 39.31 14.50
CA TYR A 317 11.45 38.12 14.04
C TYR A 317 10.58 37.58 15.15
N ALA A 318 9.27 37.53 14.91
CA ALA A 318 8.31 37.28 15.99
C ALA A 318 7.42 36.04 15.83
N LEU A 319 7.34 35.51 14.61
CA LEU A 319 6.44 34.39 14.33
C LEU A 319 6.91 33.47 13.19
N LEU A 320 6.88 32.17 13.46
CA LEU A 320 7.13 31.14 12.46
C LEU A 320 5.95 30.17 12.40
N SER A 321 5.48 29.88 11.19
CA SER A 321 4.35 28.98 11.01
C SER A 321 4.61 27.89 9.96
N ASN A 322 4.61 26.66 10.44
CA ASN A 322 4.53 25.50 9.55
C ASN A 322 3.09 25.34 9.06
N ASP A 323 2.88 25.56 7.76
CA ASP A 323 1.56 25.56 7.14
C ASP A 323 1.11 24.14 6.83
N ASN A 324 0.77 23.39 7.88
CA ASN A 324 0.58 21.95 7.78
C ASN A 324 -0.69 21.40 8.47
N ALA A 325 -1.79 22.14 8.43
CA ALA A 325 -3.04 21.70 9.06
C ALA A 325 -4.01 21.09 8.06
N PHE A 326 -3.53 20.89 6.84
CA PHE A 326 -4.30 20.27 5.77
C PHE A 326 -4.72 18.86 6.17
N LEU A 327 -5.82 18.38 5.59
CA LEU A 327 -6.20 16.98 5.70
C LEU A 327 -5.67 16.20 4.50
N SER A 328 -4.98 15.09 4.78
CA SER A 328 -4.39 14.25 3.74
C SER A 328 -5.46 13.49 2.98
N TYR A 329 -5.16 13.16 1.73
CA TYR A 329 -6.10 12.39 0.91
C TYR A 329 -5.46 11.14 0.28
N HIS A 330 -6.32 10.21 -0.11
CA HIS A 330 -5.94 8.96 -0.76
C HIS A 330 -5.23 9.21 -2.11
N PRO A 331 -4.17 8.45 -2.41
CA PRO A 331 -3.58 7.36 -1.64
C PRO A 331 -2.33 7.77 -0.87
N HIS A 332 -2.37 8.91 -0.19
CA HIS A 332 -1.21 9.41 0.55
C HIS A 332 -1.55 9.84 1.97
N PRO A 333 -2.01 8.88 2.80
CA PRO A 333 -2.43 9.23 4.16
C PRO A 333 -1.33 9.88 5.01
N PHE A 334 -0.08 9.51 4.78
CA PHE A 334 1.04 10.04 5.58
C PHE A 334 1.96 11.00 4.81
N ALA A 335 2.04 10.83 3.50
CA ALA A 335 3.11 11.42 2.69
C ALA A 335 2.97 12.91 2.36
N GLN A 336 1.89 13.54 2.82
CA GLN A 336 1.67 14.97 2.55
C GLN A 336 2.02 15.84 3.77
N ARG A 337 2.16 17.15 3.54
CA ARG A 337 2.55 18.08 4.62
C ARG A 337 1.37 18.36 5.55
N THR A 338 1.10 17.39 6.43
CA THR A 338 -0.04 17.46 7.34
C THR A 338 0.40 17.02 8.73
N LEU A 339 -0.31 17.50 9.76
CA LEU A 339 -0.01 17.14 11.14
C LEU A 339 -0.67 15.82 11.51
N THR A 340 -1.85 15.58 10.96
CA THR A 340 -2.57 14.33 11.15
C THR A 340 -2.55 13.48 9.88
N ALA A 341 -2.71 12.17 10.07
CA ALA A 341 -2.90 11.27 8.95
C ALA A 341 -4.36 10.85 8.90
N ARG A 342 -5.01 11.11 7.76
CA ARG A 342 -6.43 10.82 7.60
C ARG A 342 -6.71 9.49 6.90
N PHE A 343 -7.61 8.70 7.51
CA PHE A 343 -8.14 7.50 6.91
C PHE A 343 -9.66 7.57 6.81
N GLN A 344 -10.15 7.67 5.57
CA GLN A 344 -11.57 7.60 5.27
C GLN A 344 -11.91 6.12 5.10
N VAL A 345 -12.59 5.54 6.10
CA VAL A 345 -12.94 4.12 6.09
C VAL A 345 -14.31 3.92 5.45
N ASN A 346 -14.31 3.58 4.17
CA ASN A 346 -15.51 3.58 3.35
C ASN A 346 -16.39 2.34 3.43
N ASN A 347 -15.91 1.30 4.11
CA ASN A 347 -16.61 0.02 4.12
C ASN A 347 -17.32 -0.31 5.44
N THR A 348 -17.46 0.69 6.31
CA THR A 348 -18.28 0.52 7.52
C THR A 348 -19.71 1.01 7.27
N ARG A 349 -20.61 0.69 8.19
CA ARG A 349 -22.01 1.14 8.11
C ARG A 349 -22.32 2.09 9.26
N PRO A 350 -22.23 3.41 9.02
CA PRO A 350 -21.88 4.05 7.75
C PRO A 350 -20.38 4.40 7.68
N PRO A 351 -19.91 4.87 6.50
CA PRO A 351 -18.51 5.29 6.31
C PRO A 351 -18.10 6.29 7.39
N HIS A 352 -16.86 6.17 7.87
CA HIS A 352 -16.39 7.05 8.93
C HIS A 352 -14.93 7.44 8.71
N VAL A 353 -14.54 8.59 9.26
CA VAL A 353 -13.17 9.08 9.12
C VAL A 353 -12.39 8.96 10.44
N GLN A 354 -11.13 8.54 10.32
CA GLN A 354 -10.20 8.43 11.45
C GLN A 354 -8.97 9.28 11.19
N LEU A 355 -8.39 9.80 12.26
CA LEU A 355 -7.14 10.56 12.19
C LEU A 355 -6.08 9.96 13.08
N LEU A 356 -4.84 9.98 12.59
CA LEU A 356 -3.68 9.57 13.39
C LEU A 356 -2.71 10.72 13.61
N ARG A 357 -2.11 10.74 14.80
CA ARG A 357 -1.15 11.75 15.21
C ARG A 357 0.19 11.46 14.55
N LYS A 358 0.62 12.32 13.62
CA LYS A 358 1.91 12.16 12.96
C LYS A 358 3.03 12.60 13.88
N PRO A 359 4.27 12.09 13.66
CA PRO A 359 5.37 12.46 14.55
C PRO A 359 5.59 13.97 14.65
N VAL A 360 5.30 14.69 13.57
CA VAL A 360 5.43 16.14 13.58
C VAL A 360 4.48 16.79 14.58
N LEU A 361 3.26 16.27 14.68
CA LEU A 361 2.29 16.78 15.64
C LEU A 361 2.78 16.52 17.07
N THR A 362 3.39 15.36 17.29
CA THR A 362 3.92 15.00 18.59
C THR A 362 5.14 15.89 18.91
N ALA A 363 5.92 16.20 17.89
CA ALA A 363 7.05 17.11 18.01
C ALA A 363 6.63 18.48 18.56
N MET A 364 5.50 18.98 18.08
CA MET A 364 4.94 20.24 18.54
C MET A 364 4.62 20.22 20.03
N GLY A 365 4.35 19.02 20.56
CA GLY A 365 4.09 18.85 21.99
C GLY A 365 5.36 18.82 22.80
N LEU A 366 6.48 18.52 22.14
CA LEU A 366 7.80 18.52 22.76
C LEU A 366 8.38 19.93 22.78
N LEU A 367 8.22 20.66 21.68
CA LEU A 367 8.56 22.08 21.63
C LEU A 367 7.73 22.86 22.65
N ALA A 368 6.55 22.35 22.97
CA ALA A 368 5.62 23.00 23.89
C ALA A 368 6.13 23.07 25.33
N LEU A 369 7.06 22.19 25.68
CA LEU A 369 7.57 22.10 27.06
C LEU A 369 8.69 23.10 27.37
N LEU A 370 9.25 23.71 26.33
CA LEU A 370 10.24 24.77 26.49
C LEU A 370 9.65 25.98 27.23
N ASP A 371 10.38 26.45 28.24
CA ASP A 371 9.91 27.54 29.09
C ASP A 371 10.46 28.93 28.71
N GLU A 372 10.27 29.91 29.59
CA GLU A 372 10.38 31.33 29.23
C GLU A 372 11.81 31.93 29.09
N GLU A 373 12.83 31.16 29.44
CA GLU A 373 14.21 31.65 29.39
C GLU A 373 15.16 30.65 28.74
N GLN A 374 16.00 31.11 27.82
CA GLN A 374 16.99 30.22 27.21
C GLN A 374 18.23 30.08 28.09
N LEU A 375 18.65 28.85 28.30
CA LEU A 375 19.87 28.53 29.02
C LEU A 375 21.04 28.43 28.05
N TRP A 376 22.25 28.59 28.57
CA TRP A 376 23.47 28.49 27.77
C TRP A 376 23.72 27.05 27.33
N ALA A 377 24.02 26.89 26.04
CA ALA A 377 24.24 25.59 25.45
C ALA A 377 25.32 25.63 24.39
N GLU A 378 26.04 24.52 24.24
CA GLU A 378 27.09 24.40 23.23
C GLU A 378 27.20 22.96 22.71
N VAL A 379 27.23 22.83 21.39
CA VAL A 379 27.44 21.53 20.77
C VAL A 379 28.83 21.55 20.15
N SER A 380 29.59 20.48 20.39
CA SER A 380 30.92 20.34 19.81
C SER A 380 31.25 18.89 19.45
N GLN A 381 32.08 18.72 18.43
CA GLN A 381 32.57 17.40 18.05
C GLN A 381 34.10 17.45 17.99
N ALA A 382 34.73 16.71 18.90
CA ALA A 382 36.19 16.68 19.04
C ALA A 382 36.75 18.10 19.23
N GLY A 383 36.12 18.85 20.12
CA GLY A 383 36.54 20.22 20.43
C GLY A 383 36.15 21.29 19.42
N THR A 384 35.59 20.88 18.29
CA THR A 384 35.10 21.83 17.28
C THR A 384 33.65 22.22 17.56
N VAL A 385 33.44 23.48 17.93
CA VAL A 385 32.12 24.02 18.26
C VAL A 385 31.20 24.08 17.05
N LEU A 386 30.02 23.48 17.20
CA LEU A 386 29.03 23.41 16.14
C LEU A 386 27.76 24.19 16.52
N ASP A 387 27.34 25.09 15.64
CA ASP A 387 26.08 25.81 15.80
C ASP A 387 24.93 24.98 15.23
N SER A 388 23.71 25.49 15.36
CA SER A 388 22.50 24.81 14.87
C SER A 388 22.46 24.54 13.37
N ASN A 389 23.41 25.13 12.63
CA ASN A 389 23.54 24.90 11.19
C ASN A 389 24.24 23.55 10.90
N HIS A 390 23.95 22.55 11.72
CA HIS A 390 24.55 21.20 11.62
C HIS A 390 23.53 20.10 11.91
N THR A 391 23.87 18.86 11.57
CA THR A 391 22.98 17.69 11.74
C THR A 391 22.54 17.46 13.18
N VAL A 392 23.34 17.92 14.14
CA VAL A 392 23.00 17.78 15.57
C VAL A 392 22.98 19.15 16.24
N GLY A 393 22.01 19.38 17.11
CA GLY A 393 21.88 20.64 17.81
C GLY A 393 20.94 20.57 19.00
N VAL A 394 20.87 21.65 19.77
CA VAL A 394 20.10 21.66 21.01
C VAL A 394 19.35 22.98 21.24
N LEU A 395 18.21 22.87 21.92
CA LEU A 395 17.56 24.02 22.55
C LEU A 395 17.33 23.70 24.02
N ALA A 396 17.58 24.68 24.88
CA ALA A 396 17.45 24.48 26.32
C ALA A 396 16.75 25.66 26.97
N SER A 397 15.94 25.37 28.00
CA SER A 397 15.16 26.39 28.68
C SER A 397 15.10 26.20 30.20
N ALA A 398 14.84 27.30 30.90
CA ALA A 398 14.59 27.28 32.33
C ALA A 398 13.27 27.99 32.64
N HIS A 399 12.64 27.61 33.75
CA HIS A 399 11.39 28.21 34.20
C HIS A 399 11.53 28.81 35.59
N ARG A 400 11.04 30.04 35.74
CA ARG A 400 11.00 30.70 37.04
C ARG A 400 9.65 30.39 37.70
N PRO A 401 9.69 29.77 38.90
CA PRO A 401 8.50 29.41 39.68
C PRO A 401 7.51 30.57 39.79
N GLN A 402 6.22 30.26 39.62
CA GLN A 402 5.16 31.27 39.67
C GLN A 402 4.39 31.20 40.99
N GLY A 403 3.62 30.13 41.17
CA GLY A 403 2.85 29.94 42.40
C GLY A 403 3.20 28.64 43.10
N PRO A 404 2.35 28.18 44.03
CA PRO A 404 2.56 26.90 44.72
C PRO A 404 2.31 25.69 43.82
N ALA A 405 1.71 25.94 42.64
CA ALA A 405 1.37 24.89 41.68
C ALA A 405 2.55 24.40 40.85
N ASP A 406 3.55 25.26 40.65
CA ASP A 406 4.71 24.92 39.83
C ASP A 406 6.05 25.10 40.57
N ALA A 407 7.10 24.51 40.01
CA ALA A 407 8.46 24.70 40.52
C ALA A 407 9.42 24.98 39.37
N TRP A 408 10.73 24.83 39.62
CA TRP A 408 11.76 25.09 38.62
C TRP A 408 11.84 23.97 37.59
N ARG A 409 11.99 24.35 36.32
CA ARG A 409 12.02 23.39 35.21
C ARG A 409 13.21 23.59 34.28
N ALA A 410 13.74 22.48 33.77
CA ALA A 410 14.71 22.52 32.68
C ALA A 410 14.20 21.65 31.54
N ALA A 411 14.13 22.24 30.35
CA ALA A 411 13.79 21.49 29.13
C ALA A 411 14.96 21.52 28.15
N VAL A 412 15.48 20.35 27.82
CA VAL A 412 16.58 20.23 26.88
C VAL A 412 16.17 19.40 25.67
N LEU A 413 15.98 20.07 24.53
CA LEU A 413 15.55 19.40 23.31
C LEU A 413 16.68 19.26 22.30
N ILE A 414 17.12 18.03 22.09
CA ILE A 414 18.18 17.73 21.15
C ILE A 414 17.59 17.10 19.90
N TYR A 415 18.06 17.57 18.75
CA TYR A 415 17.67 16.97 17.48
C TYR A 415 18.87 16.36 16.77
N ALA A 416 18.62 15.26 16.08
CA ALA A 416 19.49 14.79 15.02
C ALA A 416 18.64 14.86 13.76
N SER A 417 19.13 15.59 12.75
CA SER A 417 18.37 15.79 11.52
C SER A 417 19.26 16.20 10.35
N ASP A 418 19.23 15.42 9.27
CA ASP A 418 19.90 15.82 8.04
C ASP A 418 18.85 16.33 7.05
N ASP A 419 18.03 17.27 7.51
CA ASP A 419 16.96 17.89 6.72
C ASP A 419 15.91 16.91 6.20
N THR A 420 15.82 16.73 4.88
CA THR A 420 14.83 15.83 4.31
C THR A 420 15.38 14.42 4.05
N ARG A 421 16.67 14.23 4.30
CA ARG A 421 17.31 12.92 4.14
C ARG A 421 17.36 12.19 5.48
N ALA A 422 16.98 10.90 5.47
CA ALA A 422 17.05 10.03 6.64
C ALA A 422 18.19 9.03 6.50
N HIS A 423 18.77 8.61 7.63
CA HIS A 423 19.87 7.64 7.61
C HIS A 423 19.65 6.49 8.60
N PRO A 424 18.93 5.44 8.15
CA PRO A 424 18.51 4.31 8.97
C PRO A 424 19.66 3.52 9.61
N ASN A 425 20.81 3.47 8.93
CA ASN A 425 21.95 2.69 9.41
C ASN A 425 22.81 3.40 10.46
N ARG A 426 22.78 4.73 10.46
CA ARG A 426 23.65 5.55 11.30
C ARG A 426 23.21 5.64 12.77
N SER A 427 24.18 5.57 13.68
CA SER A 427 23.94 5.74 15.11
C SER A 427 24.79 6.90 15.63
N VAL A 428 24.15 8.04 15.85
CA VAL A 428 24.84 9.26 16.27
C VAL A 428 25.09 9.26 17.78
N ALA A 429 26.35 9.05 18.16
CA ALA A 429 26.73 9.02 19.58
C ALA A 429 26.79 10.43 20.17
N VAL A 430 26.01 10.64 21.22
CA VAL A 430 25.93 11.94 21.86
C VAL A 430 26.17 11.80 23.36
N THR A 431 26.92 12.75 23.90
CA THR A 431 27.18 12.83 25.33
C THR A 431 26.63 14.16 25.84
N LEU A 432 25.70 14.08 26.79
CA LEU A 432 25.07 15.26 27.37
C LEU A 432 25.62 15.55 28.76
N ARG A 433 26.20 16.74 28.93
CA ARG A 433 26.66 17.18 30.24
C ARG A 433 25.86 18.37 30.76
N LEU A 434 24.89 18.07 31.63
CA LEU A 434 24.10 19.10 32.29
C LEU A 434 24.72 19.46 33.62
N ARG A 435 24.86 20.77 33.85
CA ARG A 435 25.50 21.30 35.06
C ARG A 435 24.76 22.53 35.58
N GLY A 436 25.02 22.86 36.85
CA GLY A 436 24.51 24.09 37.46
C GLY A 436 23.01 24.16 37.66
N VAL A 437 22.39 23.01 37.90
CA VAL A 437 20.96 22.95 38.21
C VAL A 437 20.72 23.48 39.62
N PRO A 438 20.01 24.61 39.75
CA PRO A 438 19.74 25.18 41.07
C PRO A 438 19.09 24.16 41.99
N PRO A 439 19.73 23.87 43.14
CA PRO A 439 19.27 22.84 44.08
C PRO A 439 17.86 23.06 44.62
N GLY A 440 17.13 21.99 44.84
CA GLY A 440 15.76 22.05 45.34
C GLY A 440 15.15 20.72 45.75
N PRO A 441 13.91 20.76 46.31
CA PRO A 441 13.22 19.55 46.74
C PRO A 441 12.70 18.68 45.59
N GLY A 442 12.91 17.37 45.71
CA GLY A 442 12.41 16.39 44.74
C GLY A 442 12.87 16.61 43.31
N LEU A 443 14.19 16.75 43.13
CA LEU A 443 14.75 16.93 41.81
C LEU A 443 14.80 15.60 41.06
N VAL A 444 13.90 15.46 40.08
CA VAL A 444 13.85 14.28 39.22
C VAL A 444 14.01 14.68 37.75
N TYR A 445 14.29 13.70 36.89
CA TYR A 445 14.31 13.94 35.45
C TYR A 445 13.59 12.84 34.66
N VAL A 446 13.10 13.21 33.47
CA VAL A 446 12.34 12.31 32.59
C VAL A 446 12.76 12.53 31.13
N THR A 447 13.06 11.43 30.43
CA THR A 447 13.44 11.49 29.02
C THR A 447 12.30 11.05 28.10
N ARG A 448 12.22 11.69 26.94
CA ARG A 448 11.21 11.37 25.93
C ARG A 448 11.88 11.31 24.56
N TYR A 449 11.81 10.16 23.92
CA TYR A 449 12.57 9.92 22.69
C TYR A 449 11.70 9.54 21.49
N LEU A 450 12.08 10.02 20.30
CA LEU A 450 11.34 9.78 19.06
C LEU A 450 12.25 9.40 17.90
N ASP A 451 12.00 8.25 17.28
CA ASP A 451 12.60 7.92 15.99
C ASP A 451 11.68 7.06 15.12
N ASN A 452 12.18 6.69 13.94
CA ASN A 452 11.40 5.98 12.93
C ASN A 452 11.17 4.50 13.22
N GLY A 453 11.98 3.95 14.11
CA GLY A 453 11.87 2.55 14.50
C GLY A 453 10.85 2.35 15.60
N LEU A 454 10.81 3.30 16.54
CA LEU A 454 9.98 3.17 17.74
C LEU A 454 8.70 3.99 17.71
N CYS A 455 8.71 5.12 17.01
CA CYS A 455 7.60 6.08 17.09
C CYS A 455 7.09 6.58 15.73
N SER A 456 6.88 5.65 14.80
CA SER A 456 6.38 6.00 13.48
C SER A 456 5.09 5.23 13.12
N PRO A 457 3.92 5.85 13.38
CA PRO A 457 2.63 5.33 12.94
C PRO A 457 2.64 4.88 11.47
N ASP A 458 3.27 5.66 10.60
CA ASP A 458 3.46 5.30 9.19
C ASP A 458 4.16 3.95 9.01
N GLY A 459 5.27 3.76 9.73
CA GLY A 459 6.04 2.52 9.67
C GLY A 459 5.27 1.32 10.18
N GLU A 460 4.42 1.54 11.17
CA GLU A 460 3.52 0.51 11.68
C GLU A 460 2.47 0.17 10.64
N TRP A 461 1.90 1.21 10.03
CA TRP A 461 0.94 1.06 8.95
C TRP A 461 1.51 0.17 7.84
N ARG A 462 2.83 0.23 7.68
CA ARG A 462 3.52 -0.54 6.65
C ARG A 462 3.87 -1.95 7.09
N ARG A 463 4.21 -2.13 8.37
CA ARG A 463 4.37 -3.48 8.94
C ARG A 463 3.06 -4.27 8.85
N LEU A 464 1.94 -3.55 8.96
CA LEU A 464 0.60 -4.12 8.81
C LEU A 464 0.21 -4.35 7.35
N GLY A 465 1.00 -3.81 6.43
CA GLY A 465 0.82 -4.07 5.00
C GLY A 465 0.03 -3.03 4.24
N ARG A 466 0.00 -1.81 4.77
CA ARG A 466 -0.66 -0.66 4.13
C ARG A 466 -2.18 -0.83 3.94
N PRO A 467 -2.91 -1.20 5.00
CA PRO A 467 -4.37 -1.39 4.87
C PRO A 467 -5.09 -0.09 4.54
N VAL A 468 -5.78 -0.07 3.41
CA VAL A 468 -6.45 1.13 2.92
C VAL A 468 -7.61 1.55 3.86
N PHE A 469 -8.35 0.57 4.36
CA PHE A 469 -9.43 0.82 5.31
C PHE A 469 -9.12 0.09 6.61
N PRO A 470 -8.24 0.66 7.45
CA PRO A 470 -7.74 -0.08 8.61
C PRO A 470 -8.85 -0.52 9.56
N THR A 471 -8.74 -1.73 10.08
CA THR A 471 -9.68 -2.23 11.08
C THR A 471 -9.37 -1.61 12.44
N ALA A 472 -10.25 -1.84 13.42
CA ALA A 472 -10.08 -1.31 14.76
C ALA A 472 -8.72 -1.67 15.38
N GLU A 473 -8.36 -2.95 15.30
CA GLU A 473 -7.12 -3.46 15.90
C GLU A 473 -5.90 -2.86 15.22
N GLN A 474 -5.96 -2.75 13.90
CA GLN A 474 -4.88 -2.14 13.13
C GLN A 474 -4.63 -0.69 13.57
N PHE A 475 -5.71 0.07 13.78
CA PHE A 475 -5.64 1.42 14.34
C PHE A 475 -5.01 1.43 15.74
N ARG A 476 -5.35 0.45 16.57
CA ARG A 476 -4.78 0.36 17.92
C ARG A 476 -3.26 0.26 17.86
N ARG A 477 -2.77 -0.66 17.02
CA ARG A 477 -1.35 -0.87 16.81
C ARG A 477 -0.68 0.34 16.17
N MET A 478 -1.37 0.94 15.19
CA MET A 478 -0.88 2.16 14.52
C MET A 478 -0.74 3.33 15.49
N ARG A 479 -1.69 3.45 16.43
CA ARG A 479 -1.67 4.52 17.42
C ARG A 479 -0.62 4.28 18.51
N ALA A 480 -0.25 3.02 18.72
CA ALA A 480 0.76 2.68 19.72
C ALA A 480 2.09 3.39 19.46
N ALA A 481 2.34 3.72 18.20
CA ALA A 481 3.58 4.39 17.77
C ALA A 481 3.56 5.92 17.89
N GLU A 482 2.44 6.49 18.33
CA GLU A 482 2.27 7.95 18.36
C GLU A 482 3.17 8.65 19.40
N ASP A 483 3.09 8.19 20.65
CA ASP A 483 3.80 8.81 21.77
C ASP A 483 5.30 8.52 21.74
N PRO A 484 6.12 9.42 22.31
CA PRO A 484 7.56 9.14 22.43
C PRO A 484 7.86 8.09 23.51
N VAL A 485 9.01 7.44 23.39
CA VAL A 485 9.48 6.50 24.41
C VAL A 485 9.88 7.28 25.67
N ALA A 486 9.11 7.09 26.73
CA ALA A 486 9.35 7.77 27.99
C ALA A 486 9.99 6.87 29.04
N ALA A 487 10.95 7.41 29.78
CA ALA A 487 11.55 6.70 30.90
C ALA A 487 10.98 7.26 32.20
N ALA A 488 10.70 6.37 33.15
CA ALA A 488 10.15 6.77 34.43
C ALA A 488 11.08 7.73 35.19
N PRO A 489 10.50 8.70 35.92
CA PRO A 489 11.25 9.67 36.73
C PRO A 489 12.33 9.08 37.64
N ARG A 490 13.56 9.54 37.46
CA ARG A 490 14.71 9.16 38.28
C ARG A 490 15.22 10.37 39.04
N PRO A 491 15.66 10.19 40.31
CA PRO A 491 16.23 11.31 41.06
C PRO A 491 17.51 11.82 40.42
N LEU A 492 17.69 13.14 40.44
CA LEU A 492 18.86 13.79 39.86
C LEU A 492 20.10 13.51 40.71
N PRO A 493 21.27 13.29 40.07
CA PRO A 493 22.52 13.14 40.81
C PRO A 493 22.91 14.40 41.60
N ALA A 494 23.73 14.22 42.63
CA ALA A 494 24.16 15.29 43.52
C ALA A 494 24.90 16.43 42.81
N GLY A 495 24.82 17.62 43.40
CA GLY A 495 25.52 18.79 42.87
C GLY A 495 24.84 19.44 41.68
N GLY A 496 23.62 18.98 41.36
CA GLY A 496 22.85 19.51 40.24
C GLY A 496 23.51 19.23 38.90
N ARG A 497 24.00 18.00 38.74
CA ARG A 497 24.68 17.58 37.50
C ARG A 497 24.03 16.32 36.96
N LEU A 498 24.00 16.19 35.63
CA LEU A 498 23.52 14.97 34.99
C LEU A 498 24.28 14.69 33.70
N THR A 499 24.81 13.49 33.59
CA THR A 499 25.55 13.05 32.41
C THR A 499 24.87 11.83 31.80
N LEU A 500 24.59 11.91 30.50
CA LEU A 500 23.95 10.82 29.77
C LEU A 500 24.62 10.66 28.42
N ARG A 501 24.82 9.41 28.01
CA ARG A 501 25.43 9.13 26.72
C ARG A 501 24.49 8.27 25.87
N PRO A 502 23.36 8.86 25.42
CA PRO A 502 22.45 8.07 24.61
C PRO A 502 22.98 7.96 23.19
N ALA A 503 22.54 6.92 22.48
CA ALA A 503 22.83 6.77 21.06
C ALA A 503 21.60 7.21 20.30
N LEU A 504 21.76 8.23 19.45
CA LEU A 504 20.62 8.78 18.74
C LEU A 504 20.55 8.26 17.31
N ARG A 505 19.33 8.10 16.82
CA ARG A 505 19.11 7.70 15.44
C ARG A 505 19.14 8.95 14.57
N LEU A 506 19.08 8.77 13.25
CA LEU A 506 19.07 9.89 12.33
C LEU A 506 17.99 9.69 11.26
N PRO A 507 16.82 10.33 11.42
CA PRO A 507 16.42 11.38 12.36
C PRO A 507 16.08 10.90 13.77
N SER A 508 16.13 11.82 14.74
CA SER A 508 15.67 11.57 16.10
C SER A 508 15.49 12.86 16.90
N LEU A 509 14.71 12.77 17.97
CA LEU A 509 14.48 13.88 18.89
C LEU A 509 14.54 13.36 20.32
N LEU A 510 15.22 14.10 21.19
CA LEU A 510 15.33 13.73 22.60
C LEU A 510 15.06 14.92 23.50
N LEU A 511 14.04 14.78 24.35
CA LEU A 511 13.78 15.78 25.38
C LEU A 511 14.15 15.23 26.75
N VAL A 512 15.02 15.96 27.44
CA VAL A 512 15.32 15.67 28.84
C VAL A 512 14.65 16.74 29.67
N HIS A 513 13.89 16.32 30.67
CA HIS A 513 13.05 17.21 31.45
C HIS A 513 13.36 17.09 32.94
N VAL A 514 13.99 18.13 33.49
CA VAL A 514 14.38 18.12 34.90
C VAL A 514 13.45 19.03 35.69
N CYS A 515 12.75 18.45 36.67
N CYS A 515 12.75 18.44 36.66
CA CYS A 515 11.75 19.18 37.44
CA CYS A 515 11.74 19.15 37.44
C CYS A 515 11.98 19.10 38.94
C CYS A 515 12.00 19.11 38.94
N ALA A 516 11.74 20.23 39.60
CA ALA A 516 11.75 20.29 41.06
C ALA A 516 10.30 20.14 41.51
N ARG A 517 10.09 19.65 42.74
CA ARG A 517 8.74 19.36 43.25
C ARG A 517 8.02 20.61 43.73
N PRO A 518 6.87 20.93 43.10
CA PRO A 518 6.03 22.03 43.58
C PRO A 518 5.33 21.69 44.90
N GLU A 519 4.88 22.72 45.60
CA GLU A 519 4.22 22.57 46.90
C GLU A 519 2.87 21.84 46.75
N LYS A 520 2.02 22.35 45.86
CA LYS A 520 0.71 21.77 45.60
C LYS A 520 0.78 20.67 44.53
N PRO A 521 -0.22 19.77 44.49
CA PRO A 521 -0.37 18.83 43.37
C PRO A 521 -0.86 19.55 42.10
N PRO A 522 -0.96 18.82 40.97
CA PRO A 522 -1.50 19.41 39.74
C PRO A 522 -2.94 19.91 39.88
N GLY A 523 -3.36 20.79 38.97
CA GLY A 523 -4.72 21.33 38.97
C GLY A 523 -5.72 20.45 38.26
N GLN A 524 -6.95 20.96 38.11
CA GLN A 524 -8.05 20.20 37.53
C GLN A 524 -8.10 20.27 36.00
N VAL A 525 -8.16 19.11 35.36
CA VAL A 525 -8.40 19.00 33.93
C VAL A 525 -9.77 19.61 33.62
N THR A 526 -9.87 20.33 32.52
CA THR A 526 -11.09 21.04 32.19
C THR A 526 -11.52 20.83 30.74
N ARG A 527 -12.72 21.31 30.42
CA ARG A 527 -13.29 21.30 29.07
C ARG A 527 -13.24 19.93 28.39
N LEU A 528 -13.52 18.88 29.17
CA LEU A 528 -13.56 17.51 28.66
C LEU A 528 -14.69 17.32 27.65
N ARG A 529 -14.39 16.63 26.56
CA ARG A 529 -15.36 16.39 25.50
C ARG A 529 -15.25 14.97 24.95
N ALA A 530 -16.39 14.41 24.55
CA ALA A 530 -16.46 13.11 23.91
C ALA A 530 -16.84 13.29 22.44
N LEU A 531 -16.09 12.65 21.55
CA LEU A 531 -16.33 12.77 20.11
C LEU A 531 -16.40 11.40 19.44
N PRO A 532 -17.54 11.07 18.80
CA PRO A 532 -17.73 9.78 18.16
C PRO A 532 -16.92 9.57 16.88
N LEU A 533 -16.38 8.36 16.71
CA LEU A 533 -15.70 7.98 15.49
C LEU A 533 -16.54 6.97 14.74
N THR A 534 -16.85 5.86 15.40
CA THR A 534 -17.71 4.80 14.87
C THR A 534 -18.18 3.92 16.03
N GLN A 535 -18.77 2.77 15.73
CA GLN A 535 -19.21 1.81 16.73
C GLN A 535 -18.05 1.42 17.66
N GLY A 536 -18.27 1.55 18.96
CA GLY A 536 -17.29 1.13 19.97
C GLY A 536 -15.95 1.84 19.91
N GLN A 537 -15.97 3.08 19.42
CA GLN A 537 -14.75 3.83 19.17
C GLN A 537 -15.05 5.32 19.34
N LEU A 538 -14.26 5.99 20.18
CA LEU A 538 -14.51 7.40 20.53
C LEU A 538 -13.24 8.19 20.92
N VAL A 539 -13.25 9.49 20.62
CA VAL A 539 -12.18 10.40 21.00
C VAL A 539 -12.52 11.16 22.28
N LEU A 540 -11.63 11.07 23.27
CA LEU A 540 -11.70 11.93 24.45
C LEU A 540 -10.66 13.05 24.32
N VAL A 541 -11.10 14.30 24.52
CA VAL A 541 -10.23 15.47 24.40
C VAL A 541 -10.46 16.43 25.59
N TRP A 542 -9.43 17.16 25.99
CA TRP A 542 -9.51 18.02 27.17
C TRP A 542 -8.53 19.20 27.12
N SER A 543 -8.57 20.03 28.17
CA SER A 543 -7.73 21.21 28.30
C SER A 543 -6.85 21.17 29.55
N ASP A 544 -5.61 21.64 29.40
CA ASP A 544 -4.64 21.64 30.50
C ASP A 544 -4.36 23.03 31.09
N GLU A 545 -5.24 23.98 30.81
CA GLU A 545 -5.04 25.39 31.18
C GLU A 545 -4.98 25.66 32.69
N HIS A 546 -5.67 24.85 33.48
CA HIS A 546 -5.71 25.04 34.93
C HIS A 546 -4.88 24.00 35.69
N VAL A 547 -4.21 23.13 34.94
CA VAL A 547 -3.28 22.15 35.53
C VAL A 547 -2.07 22.90 36.12
N GLY A 548 -1.63 23.94 35.41
CA GLY A 548 -0.66 24.91 35.91
C GLY A 548 0.71 24.37 36.29
N SER A 549 1.15 23.33 35.58
CA SER A 549 2.49 22.76 35.75
C SER A 549 2.79 21.81 34.57
N LYS A 550 4.00 21.94 34.02
CA LYS A 550 4.39 21.13 32.86
C LYS A 550 5.01 19.79 33.23
N CYS A 551 5.33 19.62 34.51
N CYS A 551 5.32 19.62 34.51
CA CYS A 551 5.93 18.37 35.00
CA CYS A 551 5.93 18.37 35.00
C CYS A 551 4.87 17.29 35.18
C CYS A 551 4.87 17.29 35.19
N LEU A 552 4.40 16.74 34.07
CA LEU A 552 3.33 15.74 34.08
C LEU A 552 3.76 14.43 33.44
N TRP A 553 3.41 13.33 34.10
CA TRP A 553 3.75 11.99 33.62
C TRP A 553 2.71 11.46 32.63
N THR A 554 1.45 11.49 33.06
CA THR A 554 0.34 10.98 32.25
C THR A 554 -0.98 11.61 32.66
N TYR A 555 -2.02 11.34 31.88
CA TYR A 555 -3.38 11.69 32.27
C TYR A 555 -4.18 10.41 32.56
N GLU A 556 -4.68 10.32 33.79
CA GLU A 556 -5.51 9.19 34.19
C GLU A 556 -6.94 9.37 33.68
N ILE A 557 -7.40 8.39 32.90
CA ILE A 557 -8.77 8.38 32.40
C ILE A 557 -9.57 7.25 33.05
N GLN A 558 -10.73 7.60 33.61
CA GLN A 558 -11.61 6.62 34.27
C GLN A 558 -12.98 6.51 33.60
N PHE A 559 -13.51 5.28 33.57
CA PHE A 559 -14.78 4.98 32.92
C PHE A 559 -15.75 4.31 33.88
N SER A 560 -16.96 4.86 33.97
CA SER A 560 -18.04 4.29 34.78
C SER A 560 -19.26 4.00 33.93
N GLN A 561 -19.92 2.88 34.20
CA GLN A 561 -21.08 2.47 33.43
C GLN A 561 -22.41 2.60 34.20
N ASP A 562 -22.34 2.45 35.53
CA ASP A 562 -23.52 2.58 36.38
C ASP A 562 -23.20 3.24 37.72
N TYR A 566 -16.62 3.95 38.62
CA TYR A 566 -15.47 4.42 37.87
C TYR A 566 -14.27 3.50 38.04
N THR A 567 -13.81 2.92 36.93
CA THR A 567 -12.58 2.12 36.92
C THR A 567 -11.58 2.74 35.95
N PRO A 568 -10.27 2.69 36.30
CA PRO A 568 -9.22 3.26 35.45
C PRO A 568 -9.09 2.55 34.10
N VAL A 569 -8.99 3.34 33.04
CA VAL A 569 -8.66 2.83 31.71
C VAL A 569 -7.14 2.69 31.64
N SER A 570 -6.66 1.46 31.55
CA SER A 570 -5.23 1.18 31.55
C SER A 570 -4.61 1.49 30.18
N ARG A 571 -3.60 2.35 30.18
CA ARG A 571 -2.92 2.81 28.95
C ARG A 571 -1.47 3.22 29.22
N LYS A 572 -0.61 3.06 28.22
CA LYS A 572 0.78 3.48 28.32
C LYS A 572 0.89 5.03 28.39
N PRO A 573 1.81 5.55 29.24
CA PRO A 573 1.84 6.97 29.59
C PRO A 573 1.87 7.92 28.38
N SER A 574 1.08 8.99 28.48
CA SER A 574 0.97 10.00 27.43
C SER A 574 0.54 11.33 28.05
N THR A 575 1.06 12.43 27.50
CA THR A 575 0.72 13.77 27.97
C THR A 575 0.05 14.62 26.90
N PHE A 576 -0.18 14.04 25.72
CA PHE A 576 -0.98 14.68 24.69
C PHE A 576 -2.44 14.77 25.17
N ASN A 577 -3.09 15.90 24.91
CA ASN A 577 -4.44 16.14 25.46
C ASN A 577 -5.58 15.51 24.65
N LEU A 578 -5.30 14.38 24.00
CA LEU A 578 -6.27 13.65 23.20
C LEU A 578 -6.03 12.15 23.32
N PHE A 579 -7.12 11.41 23.46
CA PHE A 579 -7.06 9.95 23.54
C PHE A 579 -8.22 9.33 22.77
N VAL A 580 -7.92 8.23 22.09
CA VAL A 580 -8.95 7.47 21.39
C VAL A 580 -9.26 6.20 22.18
N PHE A 581 -10.47 6.14 22.71
CA PHE A 581 -10.93 4.98 23.47
C PHE A 581 -11.53 3.93 22.53
N SER A 582 -10.85 2.80 22.41
CA SER A 582 -11.27 1.71 21.53
C SER A 582 -11.07 0.35 22.21
N PRO A 583 -11.98 -0.01 23.15
CA PRO A 583 -11.82 -1.25 23.89
C PRO A 583 -12.27 -2.47 23.10
N ASP A 584 -11.83 -3.65 23.52
CA ASP A 584 -12.21 -4.91 22.87
C ASP A 584 -13.70 -5.23 22.99
N THR A 585 -14.28 -4.91 24.16
CA THR A 585 -15.70 -5.14 24.43
C THR A 585 -16.65 -4.34 23.52
N GLY A 586 -16.23 -3.12 23.18
CA GLY A 586 -17.08 -2.20 22.42
C GLY A 586 -17.96 -1.37 23.32
N ALA A 587 -17.83 -1.58 24.64
CA ALA A 587 -18.61 -0.87 25.66
C ALA A 587 -18.05 0.53 25.90
N VAL A 588 -18.68 1.52 25.26
CA VAL A 588 -18.25 2.92 25.35
C VAL A 588 -19.27 3.82 26.04
N SER A 589 -20.51 3.35 26.16
CA SER A 589 -21.59 4.12 26.77
C SER A 589 -21.46 4.20 28.29
N GLY A 590 -21.49 5.43 28.82
CA GLY A 590 -21.30 5.67 30.25
C GLY A 590 -20.77 7.05 30.56
N SER A 591 -19.95 7.15 31.61
CA SER A 591 -19.38 8.43 32.05
C SER A 591 -17.85 8.40 32.17
N TYR A 592 -17.22 9.49 31.73
CA TYR A 592 -15.76 9.61 31.72
C TYR A 592 -15.26 10.77 32.57
N ARG A 593 -14.21 10.51 33.34
CA ARG A 593 -13.50 11.57 34.07
C ARG A 593 -11.98 11.47 33.84
N VAL A 594 -11.30 12.61 33.91
CA VAL A 594 -9.86 12.70 33.60
C VAL A 594 -9.12 13.60 34.59
N ARG A 595 -7.96 13.13 35.06
CA ARG A 595 -7.10 13.92 35.93
C ARG A 595 -5.63 13.78 35.55
N ALA A 596 -4.82 14.75 35.98
CA ALA A 596 -3.38 14.74 35.70
C ALA A 596 -2.59 13.98 36.75
N LEU A 597 -1.45 13.43 36.35
CA LEU A 597 -0.56 12.74 37.27
C LEU A 597 0.88 13.20 37.02
N ASP A 598 1.46 13.85 38.04
CA ASP A 598 2.81 14.42 37.92
C ASP A 598 3.91 13.38 38.05
N TYR A 599 5.16 13.84 37.99
CA TYR A 599 6.32 12.96 38.11
C TYR A 599 6.52 12.33 39.49
N TRP A 600 5.77 12.83 40.48
CA TRP A 600 5.87 12.33 41.85
C TRP A 600 4.63 11.50 42.24
N ALA A 601 3.85 11.12 41.22
CA ALA A 601 2.63 10.32 41.37
C ALA A 601 1.51 11.00 42.17
N ARG A 602 1.64 12.32 42.36
CA ARG A 602 0.61 13.11 43.04
C ARG A 602 -0.51 13.43 42.04
N PRO A 603 -1.74 12.96 42.31
CA PRO A 603 -2.84 13.22 41.39
C PRO A 603 -3.46 14.61 41.59
N GLY A 604 -3.96 15.18 40.50
CA GLY A 604 -4.78 16.38 40.55
C GLY A 604 -6.24 16.00 40.63
N PRO A 605 -7.14 16.98 40.82
CA PRO A 605 -8.58 16.69 40.90
C PRO A 605 -9.16 16.30 39.55
N PHE A 606 -10.10 15.35 39.57
CA PHE A 606 -10.77 14.88 38.35
C PHE A 606 -11.60 15.96 37.68
N SER A 607 -11.62 15.92 36.34
CA SER A 607 -12.46 16.82 35.56
C SER A 607 -13.94 16.50 35.77
N ASP A 608 -14.80 17.46 35.41
CA ASP A 608 -16.23 17.22 35.40
C ASP A 608 -16.55 16.03 34.52
N PRO A 609 -17.32 15.05 35.05
CA PRO A 609 -17.71 13.86 34.28
C PRO A 609 -18.44 14.20 32.98
N VAL A 610 -18.14 13.44 31.93
CA VAL A 610 -18.78 13.62 30.63
C VAL A 610 -19.57 12.36 30.28
N PRO A 611 -20.90 12.51 30.08
CA PRO A 611 -21.76 11.39 29.73
C PRO A 611 -21.66 11.04 28.24
N TYR A 612 -21.85 9.76 27.92
CA TYR A 612 -21.81 9.30 26.54
C TYR A 612 -22.77 8.14 26.29
N LEU A 613 -23.60 8.27 25.26
CA LEU A 613 -24.51 7.21 24.83
C LEU A 613 -24.41 6.98 23.32
N GLU A 614 -24.61 5.73 22.91
CA GLU A 614 -24.41 5.31 21.53
C GLU A 614 -25.71 4.80 20.91
N ALA B 2 -28.79 -19.35 -38.16
CA ALA B 2 -28.29 -20.71 -38.55
C ALA B 2 -27.42 -21.34 -37.45
N PRO B 3 -27.72 -22.60 -37.08
CA PRO B 3 -27.01 -23.23 -35.96
C PRO B 3 -25.62 -23.76 -36.32
N HIS B 4 -24.68 -23.64 -35.39
CA HIS B 4 -23.34 -24.19 -35.58
C HIS B 4 -23.37 -25.70 -35.47
N LEU B 5 -22.97 -26.37 -36.55
CA LEU B 5 -22.84 -27.80 -36.57
C LEU B 5 -21.42 -28.20 -36.18
N VAL B 6 -21.32 -29.06 -35.17
CA VAL B 6 -20.04 -29.59 -34.72
C VAL B 6 -20.04 -31.11 -34.90
N GLN B 7 -19.36 -31.57 -35.95
CA GLN B 7 -19.20 -33.00 -36.23
C GLN B 7 -17.92 -33.51 -35.59
N VAL B 8 -17.98 -34.69 -34.99
CA VAL B 8 -16.82 -35.34 -34.36
C VAL B 8 -16.82 -36.82 -34.72
N ASP B 9 -15.68 -37.30 -35.22
CA ASP B 9 -15.53 -38.69 -35.66
C ASP B 9 -14.60 -39.45 -34.74
N ALA B 10 -15.16 -40.23 -33.82
CA ALA B 10 -14.38 -40.97 -32.82
C ALA B 10 -13.68 -42.21 -33.37
N ALA B 11 -13.84 -42.45 -34.67
CA ALA B 11 -13.20 -43.57 -35.34
C ALA B 11 -11.92 -43.14 -36.07
N ARG B 12 -11.69 -41.83 -36.11
CA ARG B 12 -10.60 -41.24 -36.87
C ARG B 12 -9.63 -40.46 -35.98
N ALA B 13 -8.86 -41.19 -35.18
CA ALA B 13 -7.78 -40.61 -34.37
C ALA B 13 -6.64 -40.22 -35.31
N LEU B 14 -6.34 -38.93 -35.39
CA LEU B 14 -5.52 -38.38 -36.48
C LEU B 14 -4.02 -38.36 -36.22
N TRP B 15 -3.65 -37.87 -35.04
CA TRP B 15 -2.26 -37.72 -34.61
C TRP B 15 -2.31 -37.44 -33.13
N PRO B 16 -1.18 -37.64 -32.41
CA PRO B 16 -1.24 -37.42 -30.96
C PRO B 16 -1.53 -35.96 -30.61
N LEU B 17 -2.01 -35.74 -29.40
CA LEU B 17 -2.31 -34.41 -28.89
C LEU B 17 -1.49 -34.19 -27.63
N ARG B 18 -0.56 -33.25 -27.68
N ARG B 18 -0.58 -33.24 -27.69
CA ARG B 18 0.30 -32.93 -26.55
CA ARG B 18 0.29 -32.92 -26.55
C ARG B 18 -0.34 -31.82 -25.71
C ARG B 18 -0.33 -31.81 -25.71
N ARG B 19 -0.27 -31.97 -24.39
N ARG B 19 -0.29 -31.98 -24.39
CA ARG B 19 -0.81 -30.96 -23.49
CA ARG B 19 -0.80 -30.96 -23.48
C ARG B 19 0.23 -29.86 -23.26
C ARG B 19 0.24 -29.87 -23.27
N PHE B 20 0.37 -28.99 -24.25
CA PHE B 20 1.40 -27.94 -24.25
C PHE B 20 1.10 -26.69 -23.39
N TRP B 21 -0.12 -26.60 -22.86
CA TRP B 21 -0.60 -25.42 -22.14
C TRP B 21 -0.43 -25.49 -20.60
N ARG B 22 0.11 -26.59 -20.09
CA ARG B 22 0.08 -26.86 -18.65
C ARG B 22 1.14 -26.07 -17.86
N SER B 23 1.06 -24.75 -17.97
CA SER B 23 2.02 -23.85 -17.34
C SER B 23 1.39 -22.51 -16.98
N THR B 24 1.76 -21.99 -15.81
CA THR B 24 1.47 -20.61 -15.43
C THR B 24 2.74 -19.92 -14.92
N GLY B 25 2.61 -18.68 -14.45
CA GLY B 25 3.75 -17.96 -13.89
C GLY B 25 3.38 -16.68 -13.19
N PHE B 26 4.28 -16.20 -12.33
CA PHE B 26 4.10 -14.93 -11.63
C PHE B 26 5.41 -14.21 -11.32
N CYS B 27 5.28 -12.96 -10.86
CA CYS B 27 6.40 -12.14 -10.43
C CYS B 27 6.06 -11.55 -9.06
N PRO B 28 6.90 -11.83 -8.04
CA PRO B 28 6.74 -11.20 -6.72
C PRO B 28 6.92 -9.67 -6.75
N PRO B 29 6.40 -8.97 -5.73
CA PRO B 29 6.69 -7.54 -5.58
C PRO B 29 7.98 -7.31 -4.76
N LEU B 30 8.47 -6.08 -4.76
CA LEU B 30 9.63 -5.72 -3.93
C LEU B 30 9.23 -5.24 -2.55
N ASP B 36 11.41 -12.32 5.39
CA ASP B 36 10.16 -13.03 5.17
C ASP B 36 9.67 -12.81 3.73
N PRO B 37 10.08 -13.70 2.80
CA PRO B 37 9.74 -13.55 1.38
C PRO B 37 8.25 -13.68 1.10
N TYR B 38 7.80 -13.00 0.04
CA TYR B 38 6.41 -13.04 -0.44
C TYR B 38 6.01 -14.42 -0.92
N VAL B 39 6.97 -15.14 -1.53
CA VAL B 39 6.72 -16.49 -2.06
C VAL B 39 6.49 -17.56 -0.97
N LEU B 40 6.96 -17.30 0.25
CA LEU B 40 6.72 -18.24 1.37
C LEU B 40 5.58 -17.78 2.29
N SER B 41 4.87 -16.73 1.88
CA SER B 41 3.71 -16.23 2.63
C SER B 41 2.57 -17.23 2.57
N TRP B 42 1.69 -17.18 3.56
CA TRP B 42 0.53 -18.05 3.61
C TRP B 42 -0.37 -17.87 2.37
N ASP B 43 -0.46 -16.63 1.88
CA ASP B 43 -1.16 -16.33 0.62
C ASP B 43 -0.68 -17.19 -0.53
N GLN B 44 0.64 -17.28 -0.68
CA GLN B 44 1.25 -18.02 -1.79
C GLN B 44 1.11 -19.52 -1.59
N GLN B 45 1.21 -19.96 -0.33
CA GLN B 45 0.95 -21.36 0.03
C GLN B 45 -0.47 -21.78 -0.36
N LEU B 46 -1.43 -20.89 -0.12
CA LEU B 46 -2.80 -21.09 -0.57
C LEU B 46 -2.92 -21.07 -2.09
N ASN B 47 -2.25 -20.11 -2.73
CA ASN B 47 -2.33 -19.94 -4.19
C ASN B 47 -1.83 -21.16 -4.95
N LEU B 48 -0.75 -21.76 -4.46
CA LEU B 48 -0.14 -22.92 -5.14
C LEU B 48 -0.92 -24.20 -4.86
N ALA B 49 -1.62 -24.23 -3.73
CA ALA B 49 -2.53 -25.34 -3.45
C ALA B 49 -3.66 -25.32 -4.47
N TYR B 50 -4.07 -24.12 -4.87
CA TYR B 50 -5.12 -23.94 -5.87
C TYR B 50 -4.64 -24.27 -7.27
N VAL B 51 -3.41 -23.89 -7.57
CA VAL B 51 -2.79 -24.18 -8.87
C VAL B 51 -2.57 -25.68 -9.04
N GLY B 52 -2.09 -26.34 -7.99
CA GLY B 52 -1.77 -27.76 -8.05
C GLY B 52 -2.97 -28.69 -8.07
N ALA B 53 -4.11 -28.20 -7.59
CA ALA B 53 -5.32 -29.01 -7.43
C ALA B 53 -6.16 -29.16 -8.70
N VAL B 54 -5.76 -28.49 -9.79
CA VAL B 54 -6.35 -28.73 -11.09
C VAL B 54 -6.18 -30.22 -11.37
N PRO B 55 -7.28 -30.94 -11.64
CA PRO B 55 -7.18 -32.40 -11.72
C PRO B 55 -6.27 -32.88 -12.85
N HIS B 56 -5.76 -34.11 -12.71
CA HIS B 56 -5.01 -34.82 -13.76
C HIS B 56 -3.81 -34.05 -14.32
N ARG B 57 -3.09 -33.39 -13.42
CA ARG B 57 -1.87 -32.64 -13.71
C ARG B 57 -2.05 -31.57 -14.79
N GLY B 58 -3.17 -30.87 -14.72
CA GLY B 58 -3.55 -29.85 -15.71
C GLY B 58 -2.71 -28.59 -15.73
N ILE B 59 -2.05 -28.29 -14.61
CA ILE B 59 -1.01 -27.27 -14.56
C ILE B 59 0.24 -27.89 -13.95
N LYS B 60 1.35 -27.79 -14.67
CA LYS B 60 2.57 -28.48 -14.27
C LYS B 60 3.66 -27.48 -13.85
N GLN B 61 3.88 -26.46 -14.69
CA GLN B 61 4.97 -25.50 -14.50
C GLN B 61 4.51 -24.15 -13.93
N VAL B 62 5.25 -23.67 -12.93
CA VAL B 62 5.09 -22.30 -12.42
C VAL B 62 6.36 -21.47 -12.65
N ARG B 63 6.33 -20.65 -13.70
CA ARG B 63 7.43 -19.76 -14.08
C ARG B 63 7.58 -18.62 -13.07
N THR B 64 8.65 -18.65 -12.29
CA THR B 64 8.81 -17.75 -11.13
C THR B 64 10.00 -16.80 -11.25
N HIS B 65 9.73 -15.50 -11.16
CA HIS B 65 10.76 -14.45 -11.20
C HIS B 65 11.55 -14.37 -9.90
N TRP B 66 12.75 -13.79 -9.98
CA TRP B 66 13.56 -13.44 -8.80
C TRP B 66 13.81 -14.62 -7.84
N LEU B 67 13.96 -15.81 -8.41
CA LEU B 67 14.29 -17.00 -7.63
C LEU B 67 15.66 -16.86 -6.99
N LEU B 68 16.56 -16.15 -7.69
CA LEU B 68 17.91 -15.98 -7.18
C LEU B 68 18.07 -14.70 -6.33
N GLU B 69 16.96 -14.24 -5.76
CA GLU B 69 16.99 -13.25 -4.69
C GLU B 69 16.57 -13.94 -3.40
N LEU B 70 16.23 -15.23 -3.51
CA LEU B 70 15.90 -16.06 -2.36
C LEU B 70 17.17 -16.69 -1.81
N VAL B 71 18.25 -16.60 -2.60
CA VAL B 71 19.59 -17.03 -2.18
C VAL B 71 20.30 -15.82 -1.56
N THR B 72 20.80 -15.98 -0.33
CA THR B 72 21.58 -14.93 0.31
C THR B 72 23.05 -15.29 0.46
N THR B 73 23.82 -14.34 0.98
CA THR B 73 25.28 -14.37 0.94
C THR B 73 25.93 -14.11 2.29
N ARG B 74 27.04 -14.79 2.53
CA ARG B 74 27.92 -14.51 3.66
C ARG B 74 29.33 -14.31 3.13
N GLY B 75 30.11 -13.47 3.81
CA GLY B 75 31.47 -13.14 3.39
C GLY B 75 31.47 -12.39 2.07
N SER B 76 32.56 -12.53 1.31
CA SER B 76 32.71 -11.85 0.02
C SER B 76 33.76 -12.54 -0.86
N THR B 77 33.96 -11.97 -2.06
CA THR B 77 34.98 -12.41 -3.01
C THR B 77 36.38 -12.32 -2.41
N LEU B 81 33.11 -16.56 0.57
CA LEU B 81 31.79 -16.43 -0.07
C LEU B 81 30.94 -17.68 0.09
N SER B 82 29.95 -17.61 0.98
CA SER B 82 29.02 -18.72 1.23
C SER B 82 27.59 -18.35 0.82
N TYR B 83 26.88 -19.31 0.26
CA TYR B 83 25.47 -19.15 -0.09
C TYR B 83 24.53 -19.73 0.96
N ASN B 84 23.47 -19.00 1.26
CA ASN B 84 22.38 -19.49 2.07
C ASN B 84 21.19 -19.77 1.15
N PHE B 85 20.86 -21.06 1.02
CA PHE B 85 19.81 -21.51 0.09
C PHE B 85 18.43 -21.65 0.73
N THR B 86 18.35 -21.48 2.06
CA THR B 86 17.14 -21.77 2.83
C THR B 86 15.81 -21.32 2.17
N HIS B 87 15.71 -20.04 1.83
CA HIS B 87 14.48 -19.51 1.26
C HIS B 87 14.13 -20.10 -0.10
N LEU B 88 15.15 -20.39 -0.90
CA LEU B 88 14.94 -21.06 -2.17
C LEU B 88 14.45 -22.49 -1.94
N ASP B 89 15.05 -23.17 -0.96
CA ASP B 89 14.63 -24.51 -0.56
C ASP B 89 13.14 -24.53 -0.24
N GLY B 90 12.69 -23.58 0.60
CA GLY B 90 11.30 -23.48 1.02
C GLY B 90 10.29 -23.29 -0.11
N TYR B 91 10.65 -22.46 -1.09
CA TYR B 91 9.77 -22.24 -2.24
C TYR B 91 9.66 -23.48 -3.12
N LEU B 92 10.80 -24.05 -3.49
CA LEU B 92 10.84 -25.24 -4.34
C LEU B 92 10.29 -26.49 -3.64
N ASP B 93 10.38 -26.54 -2.32
CA ASP B 93 9.78 -27.63 -1.54
C ASP B 93 8.26 -27.53 -1.60
N LEU B 94 7.77 -26.30 -1.64
CA LEU B 94 6.34 -26.00 -1.70
C LEU B 94 5.75 -26.27 -3.08
N LEU B 95 6.53 -26.02 -4.13
CA LEU B 95 6.13 -26.42 -5.48
C LEU B 95 6.03 -27.94 -5.57
N ARG B 96 7.01 -28.61 -4.95
CA ARG B 96 7.08 -30.06 -4.92
C ARG B 96 5.88 -30.64 -4.16
N GLU B 97 5.53 -30.01 -3.04
CA GLU B 97 4.41 -30.44 -2.22
C GLU B 97 3.08 -30.44 -2.99
N ASN B 98 3.03 -29.63 -4.06
CA ASN B 98 1.83 -29.50 -4.88
C ASN B 98 1.99 -30.11 -6.27
N GLN B 99 3.01 -30.96 -6.44
CA GLN B 99 3.31 -31.63 -7.72
C GLN B 99 3.50 -30.65 -8.87
N LEU B 100 4.18 -29.55 -8.58
CA LEU B 100 4.45 -28.52 -9.57
C LEU B 100 5.94 -28.41 -9.82
N LEU B 101 6.32 -27.90 -10.99
CA LEU B 101 7.72 -27.69 -11.33
C LEU B 101 7.97 -26.20 -11.51
N PRO B 102 9.17 -25.72 -11.17
CA PRO B 102 9.42 -24.31 -11.44
C PRO B 102 9.69 -24.08 -12.92
N GLY B 103 9.37 -22.88 -13.37
CA GLY B 103 9.96 -22.36 -14.59
C GLY B 103 11.16 -21.60 -14.08
N PHE B 104 12.27 -22.30 -13.94
CA PHE B 104 13.43 -21.82 -13.19
C PHE B 104 14.25 -20.78 -13.93
N GLU B 105 13.78 -19.54 -13.89
CA GLU B 105 14.53 -18.41 -14.40
C GLU B 105 15.73 -18.19 -13.48
N LEU B 106 16.92 -18.17 -14.06
CA LEU B 106 18.15 -17.94 -13.30
C LEU B 106 18.35 -16.43 -13.11
N MET B 107 17.48 -15.86 -12.27
CA MET B 107 17.17 -14.43 -12.27
C MET B 107 17.31 -13.88 -10.86
N GLY B 108 18.20 -12.92 -10.70
CA GLY B 108 18.50 -12.36 -9.38
C GLY B 108 19.97 -12.04 -9.19
N SER B 109 20.30 -11.56 -7.99
CA SER B 109 21.64 -11.06 -7.69
C SER B 109 22.27 -11.75 -6.48
N ALA B 110 21.56 -12.73 -5.93
CA ALA B 110 21.90 -13.34 -4.65
C ALA B 110 22.00 -12.27 -3.57
N SER B 111 20.96 -11.42 -3.50
CA SER B 111 20.84 -10.29 -2.57
C SER B 111 21.98 -9.25 -2.69
N GLY B 112 22.29 -8.87 -3.92
CA GLY B 112 23.20 -7.74 -4.16
C GLY B 112 24.67 -8.06 -4.33
N HIS B 113 25.03 -9.34 -4.30
CA HIS B 113 26.42 -9.72 -4.59
C HIS B 113 26.77 -9.55 -6.06
N PHE B 114 25.89 -10.02 -6.94
CA PHE B 114 26.16 -9.94 -8.36
C PHE B 114 25.74 -8.58 -8.90
N THR B 115 26.70 -7.91 -9.53
CA THR B 115 26.54 -6.52 -9.97
C THR B 115 27.00 -6.29 -11.41
N ASP B 116 27.91 -7.12 -11.91
CA ASP B 116 28.55 -6.86 -13.20
C ASP B 116 28.88 -8.16 -13.94
N PHE B 117 28.25 -8.36 -15.10
CA PHE B 117 28.48 -9.56 -15.90
C PHE B 117 29.51 -9.37 -17.01
N GLU B 118 30.28 -8.28 -16.91
CA GLU B 118 31.46 -8.09 -17.73
C GLU B 118 32.70 -8.25 -16.85
N ASP B 119 32.46 -8.38 -15.54
CA ASP B 119 33.50 -8.64 -14.56
C ASP B 119 33.84 -10.14 -14.59
N LYS B 120 35.01 -10.46 -15.14
CA LYS B 120 35.47 -11.85 -15.28
C LYS B 120 35.25 -12.69 -14.01
N GLN B 121 35.54 -12.10 -12.86
CA GLN B 121 35.46 -12.79 -11.59
C GLN B 121 34.02 -13.11 -11.18
N GLN B 122 33.10 -12.23 -11.55
CA GLN B 122 31.68 -12.43 -11.24
C GLN B 122 31.04 -13.48 -12.16
N VAL B 123 31.44 -13.49 -13.43
CA VAL B 123 30.95 -14.49 -14.39
C VAL B 123 31.35 -15.90 -13.94
N PHE B 124 32.58 -16.06 -13.48
CA PHE B 124 33.07 -17.32 -12.92
C PHE B 124 32.34 -17.73 -11.64
N GLU B 125 32.06 -16.74 -10.78
CA GLU B 125 31.33 -16.97 -9.53
C GLU B 125 29.89 -17.44 -9.79
N TRP B 126 29.30 -16.92 -10.87
CA TRP B 126 27.94 -17.27 -11.28
C TRP B 126 27.84 -18.72 -11.70
N LYS B 127 28.80 -19.16 -12.51
CA LYS B 127 28.87 -20.54 -12.99
C LYS B 127 28.84 -21.51 -11.81
N ASP B 128 29.74 -21.30 -10.86
CA ASP B 128 29.78 -22.16 -9.66
C ASP B 128 28.49 -22.09 -8.85
N LEU B 129 27.85 -20.92 -8.79
CA LEU B 129 26.53 -20.78 -8.20
C LEU B 129 25.47 -21.61 -8.92
N VAL B 130 25.42 -21.48 -10.26
CA VAL B 130 24.46 -22.23 -11.06
C VAL B 130 24.69 -23.73 -10.89
N SER B 131 25.96 -24.11 -10.87
CA SER B 131 26.35 -25.48 -10.58
C SER B 131 25.95 -25.93 -9.19
N SER B 132 26.09 -25.05 -8.22
CA SER B 132 25.86 -25.41 -6.82
C SER B 132 24.40 -25.71 -6.56
N LEU B 133 23.52 -24.90 -7.15
CA LEU B 133 22.09 -25.06 -6.96
C LEU B 133 21.55 -26.27 -7.73
N ALA B 134 22.04 -26.45 -8.95
CA ALA B 134 21.71 -27.64 -9.74
C ALA B 134 22.02 -28.91 -8.96
N ARG B 135 23.26 -29.06 -8.50
CA ARG B 135 23.68 -30.23 -7.73
C ARG B 135 22.85 -30.41 -6.48
N ARG B 136 22.63 -29.30 -5.77
CA ARG B 136 21.79 -29.27 -4.58
C ARG B 136 20.42 -29.90 -4.83
N TYR B 137 19.74 -29.45 -5.87
CA TYR B 137 18.37 -29.89 -6.11
C TYR B 137 18.27 -31.23 -6.82
N ILE B 138 19.31 -31.57 -7.59
CA ILE B 138 19.50 -32.94 -8.08
C ILE B 138 19.63 -33.89 -6.89
N GLY B 139 20.37 -33.46 -5.86
CA GLY B 139 20.50 -34.23 -4.63
C GLY B 139 19.20 -34.28 -3.83
N ARG B 140 18.52 -33.14 -3.76
CA ARG B 140 17.31 -32.99 -2.95
C ARG B 140 16.09 -33.73 -3.50
N TYR B 141 15.94 -33.75 -4.82
CA TYR B 141 14.76 -34.35 -5.46
C TYR B 141 15.09 -35.52 -6.38
N GLY B 142 16.33 -35.60 -6.85
CA GLY B 142 16.71 -36.62 -7.81
C GLY B 142 16.87 -36.02 -9.19
N LEU B 143 17.75 -36.61 -10.00
CA LEU B 143 18.06 -36.09 -11.32
C LEU B 143 16.88 -36.23 -12.29
N ALA B 144 16.07 -37.26 -12.10
CA ALA B 144 14.91 -37.51 -12.96
C ALA B 144 13.94 -36.34 -12.86
N HIS B 145 13.62 -35.94 -11.63
CA HIS B 145 12.76 -34.79 -11.39
C HIS B 145 13.36 -33.51 -11.98
N VAL B 146 14.59 -33.19 -11.55
CA VAL B 146 15.23 -31.93 -11.93
C VAL B 146 15.45 -31.79 -13.44
N SER B 147 15.55 -32.92 -14.14
CA SER B 147 15.71 -32.94 -15.60
C SER B 147 14.46 -32.51 -16.35
N LYS B 148 13.34 -32.39 -15.63
CA LYS B 148 12.08 -31.93 -16.22
C LYS B 148 11.98 -30.40 -16.21
N TRP B 149 12.82 -29.75 -15.40
CA TRP B 149 12.75 -28.31 -15.19
C TRP B 149 13.23 -27.52 -16.40
N ASN B 150 12.41 -26.56 -16.81
CA ASN B 150 12.82 -25.55 -17.78
C ASN B 150 13.64 -24.45 -17.10
N PHE B 151 14.95 -24.67 -16.95
CA PHE B 151 15.85 -23.59 -16.56
C PHE B 151 15.82 -22.54 -17.67
N GLU B 152 16.00 -21.28 -17.30
CA GLU B 152 15.82 -20.20 -18.27
C GLU B 152 16.63 -18.98 -17.92
N THR B 153 16.89 -18.15 -18.93
CA THR B 153 17.53 -16.86 -18.74
C THR B 153 16.66 -15.90 -17.92
N TRP B 154 17.29 -14.82 -17.49
CA TRP B 154 16.66 -13.66 -16.91
C TRP B 154 15.48 -13.23 -17.76
N ASN B 155 14.34 -12.97 -17.13
CA ASN B 155 13.14 -12.56 -17.85
C ASN B 155 13.30 -11.26 -18.62
N GLU B 156 12.87 -11.29 -19.88
CA GLU B 156 12.80 -10.10 -20.74
C GLU B 156 14.06 -9.25 -20.72
N PRO B 157 15.15 -9.76 -21.33
CA PRO B 157 16.44 -9.07 -21.26
C PRO B 157 16.43 -7.73 -22.01
N ASP B 158 15.60 -7.61 -23.04
CA ASP B 158 15.48 -6.35 -23.75
C ASP B 158 14.46 -5.41 -23.12
N HIS B 159 14.21 -5.58 -21.82
CA HIS B 159 13.25 -4.77 -21.09
C HIS B 159 13.84 -4.12 -19.82
N HIS B 160 15.18 -4.15 -19.71
CA HIS B 160 15.94 -3.44 -18.68
C HIS B 160 15.46 -3.73 -17.24
N ASP B 161 15.07 -4.97 -16.99
CA ASP B 161 14.57 -5.39 -15.68
C ASP B 161 15.71 -5.97 -14.84
N PHE B 162 16.75 -5.17 -14.63
CA PHE B 162 18.01 -5.65 -14.05
C PHE B 162 18.38 -5.10 -12.67
N ASP B 163 17.56 -4.21 -12.12
CA ASP B 163 17.82 -3.60 -10.80
C ASP B 163 19.16 -2.87 -10.76
N ASN B 164 20.02 -3.25 -9.82
CA ASN B 164 21.36 -2.70 -9.68
C ASN B 164 22.45 -3.63 -10.26
N VAL B 165 22.04 -4.47 -11.20
CA VAL B 165 22.95 -5.33 -11.95
C VAL B 165 23.22 -4.67 -13.29
N SER B 166 24.49 -4.58 -13.67
CA SER B 166 24.88 -4.12 -14.99
C SER B 166 24.89 -5.30 -15.95
N MET B 167 23.95 -5.30 -16.89
CA MET B 167 23.85 -6.37 -17.89
C MET B 167 23.80 -5.77 -19.29
N THR B 168 24.99 -5.56 -19.88
CA THR B 168 25.08 -5.10 -21.26
C THR B 168 24.82 -6.27 -22.21
N MET B 169 24.86 -5.99 -23.51
CA MET B 169 24.75 -7.04 -24.52
C MET B 169 25.75 -8.16 -24.21
N GLN B 170 27.01 -7.77 -24.02
CA GLN B 170 28.10 -8.70 -23.77
C GLN B 170 27.99 -9.38 -22.39
N GLY B 171 27.58 -8.60 -21.38
CA GLY B 171 27.34 -9.12 -20.05
C GLY B 171 26.33 -10.24 -20.07
N PHE B 172 25.23 -10.01 -20.80
CA PHE B 172 24.17 -11.02 -20.95
C PHE B 172 24.67 -12.32 -21.59
N LEU B 173 25.50 -12.19 -22.62
CA LEU B 173 26.12 -13.35 -23.29
C LEU B 173 27.07 -14.10 -22.37
N ASN B 174 27.82 -13.37 -21.56
CA ASN B 174 28.69 -13.97 -20.55
C ASN B 174 27.86 -14.71 -19.52
N TYR B 175 26.82 -14.03 -19.03
CA TYR B 175 25.83 -14.61 -18.12
C TYR B 175 25.23 -15.92 -18.64
N TYR B 176 24.87 -15.93 -19.93
CA TYR B 176 24.32 -17.15 -20.54
C TYR B 176 25.30 -18.30 -20.55
N ASP B 177 26.56 -18.03 -20.92
CA ASP B 177 27.59 -19.07 -20.96
C ASP B 177 27.82 -19.61 -19.55
N ALA B 178 27.81 -18.70 -18.57
CA ALA B 178 27.90 -19.08 -17.15
C ALA B 178 26.74 -20.00 -16.74
N CYS B 179 25.53 -19.66 -17.20
CA CYS B 179 24.37 -20.50 -16.93
C CYS B 179 24.54 -21.88 -17.54
N SER B 180 24.83 -21.91 -18.83
CA SER B 180 24.96 -23.16 -19.59
C SER B 180 26.04 -24.07 -19.03
N GLU B 181 27.27 -23.54 -18.91
CA GLU B 181 28.38 -24.32 -18.37
C GLU B 181 28.12 -24.74 -16.94
N GLY B 182 27.56 -23.84 -16.13
CA GLY B 182 27.14 -24.13 -14.76
C GLY B 182 26.23 -25.34 -14.67
N LEU B 183 25.21 -25.38 -15.54
CA LEU B 183 24.29 -26.51 -15.60
C LEU B 183 24.96 -27.76 -16.16
N ARG B 184 25.75 -27.59 -17.22
CA ARG B 184 26.48 -28.70 -17.82
C ARG B 184 27.45 -29.37 -16.84
N ALA B 185 28.02 -28.57 -15.94
CA ALA B 185 28.96 -29.07 -14.94
C ALA B 185 28.30 -29.99 -13.93
N ALA B 186 27.00 -29.84 -13.74
CA ALA B 186 26.25 -30.65 -12.79
C ALA B 186 25.72 -31.94 -13.44
N SER B 187 25.17 -31.78 -14.65
CA SER B 187 24.66 -32.89 -15.46
C SER B 187 24.35 -32.39 -16.88
N PRO B 188 24.72 -33.19 -17.90
CA PRO B 188 24.39 -32.83 -19.29
C PRO B 188 22.91 -33.03 -19.63
N ALA B 189 22.16 -33.62 -18.69
CA ALA B 189 20.76 -33.93 -18.90
C ALA B 189 19.81 -32.76 -18.61
N LEU B 190 20.38 -31.61 -18.24
CA LEU B 190 19.57 -30.45 -17.87
C LEU B 190 19.28 -29.53 -19.05
N ARG B 191 18.08 -28.94 -19.02
CA ARG B 191 17.54 -28.15 -20.12
C ARG B 191 17.70 -26.65 -19.85
N LEU B 192 18.21 -25.92 -20.85
CA LEU B 192 18.32 -24.48 -20.76
C LEU B 192 17.89 -23.80 -22.06
N GLY B 193 17.05 -22.78 -21.92
CA GLY B 193 16.61 -21.95 -23.04
C GLY B 193 16.52 -20.48 -22.69
N GLY B 194 16.05 -19.68 -23.64
CA GLY B 194 15.93 -18.23 -23.49
C GLY B 194 15.56 -17.61 -24.82
N PRO B 195 15.52 -16.27 -24.90
CA PRO B 195 15.77 -15.29 -23.82
C PRO B 195 14.53 -14.96 -22.99
N GLY B 196 13.34 -15.37 -23.47
CA GLY B 196 12.08 -14.95 -22.86
C GLY B 196 11.76 -13.49 -23.11
N ASP B 197 11.72 -13.08 -24.38
CA ASP B 197 11.39 -11.69 -24.74
C ASP B 197 10.60 -11.61 -26.05
N SER B 198 10.29 -10.39 -26.48
CA SER B 198 9.36 -10.13 -27.57
C SER B 198 9.85 -10.51 -28.97
N PHE B 199 11.15 -10.45 -29.20
CA PHE B 199 11.75 -10.69 -30.52
C PHE B 199 11.20 -9.73 -31.59
N HIS B 200 11.25 -8.43 -31.32
CA HIS B 200 10.81 -7.43 -32.28
C HIS B 200 11.83 -7.23 -33.41
N THR B 201 11.39 -6.59 -34.49
CA THR B 201 12.20 -6.41 -35.70
C THR B 201 13.46 -5.57 -35.42
N PRO B 202 14.65 -6.09 -35.77
CA PRO B 202 15.93 -5.38 -35.56
C PRO B 202 15.94 -3.96 -36.15
N PRO B 203 16.64 -2.99 -35.51
CA PRO B 203 17.55 -3.10 -34.36
C PRO B 203 16.90 -3.39 -33.01
N ARG B 204 15.56 -3.50 -33.00
CA ARG B 204 14.81 -3.79 -31.77
C ARG B 204 15.13 -5.19 -31.22
N SER B 205 14.87 -5.37 -29.93
CA SER B 205 15.15 -6.62 -29.21
C SER B 205 16.57 -7.17 -29.46
N PRO B 206 17.60 -6.33 -29.27
CA PRO B 206 18.96 -6.78 -29.63
C PRO B 206 19.52 -7.92 -28.75
N LEU B 207 19.23 -7.89 -27.45
CA LEU B 207 19.72 -8.95 -26.54
C LEU B 207 19.13 -10.31 -26.87
N SER B 208 17.88 -10.31 -27.35
CA SER B 208 17.22 -11.54 -27.77
C SER B 208 17.88 -12.12 -29.03
N TRP B 209 17.89 -11.33 -30.11
CA TRP B 209 18.52 -11.74 -31.37
C TRP B 209 20.01 -12.00 -31.18
N GLY B 210 20.62 -11.23 -30.27
CA GLY B 210 22.02 -11.40 -29.91
C GLY B 210 22.30 -12.76 -29.28
N LEU B 211 21.38 -13.24 -28.46
CA LEU B 211 21.57 -14.51 -27.76
C LEU B 211 21.56 -15.69 -28.73
N LEU B 212 20.69 -15.61 -29.72
CA LEU B 212 20.56 -16.69 -30.70
C LEU B 212 21.78 -16.76 -31.61
N ARG B 213 22.25 -15.60 -32.06
CA ARG B 213 23.42 -15.51 -32.92
C ARG B 213 24.67 -16.03 -32.21
N HIS B 214 24.80 -15.66 -30.94
CA HIS B 214 25.88 -16.15 -30.08
C HIS B 214 25.85 -17.66 -29.95
N CYS B 215 24.67 -18.22 -29.67
CA CYS B 215 24.52 -19.67 -29.51
C CYS B 215 24.70 -20.42 -30.83
N HIS B 216 24.46 -19.72 -31.94
CA HIS B 216 24.56 -20.31 -33.28
C HIS B 216 25.99 -20.31 -33.81
N ASP B 217 26.67 -19.16 -33.72
CA ASP B 217 28.01 -18.99 -34.31
C ASP B 217 29.01 -18.29 -33.39
N GLY B 218 28.58 -17.94 -32.18
CA GLY B 218 29.42 -17.19 -31.23
C GLY B 218 30.39 -18.06 -30.45
N THR B 219 31.09 -17.46 -29.49
CA THR B 219 32.19 -18.11 -28.81
C THR B 219 31.99 -18.29 -27.29
N ASN B 220 32.19 -19.51 -26.81
CA ASN B 220 31.95 -19.87 -25.42
C ASN B 220 32.95 -19.25 -24.44
N PHE B 221 32.45 -18.39 -23.57
CA PHE B 221 33.25 -17.68 -22.55
C PHE B 221 34.26 -18.57 -21.82
N PHE B 222 33.86 -19.80 -21.50
CA PHE B 222 34.70 -20.70 -20.70
C PHE B 222 35.52 -21.67 -21.56
N THR B 223 34.83 -22.48 -22.38
CA THR B 223 35.51 -23.48 -23.21
C THR B 223 36.14 -22.87 -24.46
N GLY B 224 35.71 -21.65 -24.81
CA GLY B 224 36.30 -20.89 -25.91
C GLY B 224 35.94 -21.36 -27.31
N GLU B 225 35.07 -22.36 -27.42
CA GLU B 225 34.71 -22.91 -28.72
C GLU B 225 33.55 -22.15 -29.38
N ALA B 226 33.29 -22.46 -30.65
CA ALA B 226 32.19 -21.85 -31.38
C ALA B 226 30.87 -22.62 -31.18
N GLY B 227 29.82 -21.89 -30.83
CA GLY B 227 28.50 -22.48 -30.60
C GLY B 227 28.29 -22.85 -29.15
N VAL B 228 27.10 -22.54 -28.64
CA VAL B 228 26.74 -22.82 -27.25
C VAL B 228 25.35 -23.45 -27.20
N ARG B 229 25.19 -24.43 -26.31
CA ARG B 229 23.92 -25.13 -26.10
C ARG B 229 22.73 -24.18 -25.94
N LEU B 230 21.64 -24.49 -26.63
CA LEU B 230 20.38 -23.76 -26.50
C LEU B 230 19.26 -24.76 -26.74
N ASP B 231 18.72 -25.28 -25.64
CA ASP B 231 17.78 -26.42 -25.68
C ASP B 231 16.38 -26.06 -26.14
N TYR B 232 16.04 -24.78 -26.05
CA TYR B 232 14.77 -24.25 -26.58
C TYR B 232 14.83 -22.74 -26.70
N ILE B 233 13.88 -22.17 -27.45
CA ILE B 233 13.80 -20.73 -27.61
C ILE B 233 12.47 -20.22 -27.08
N SER B 234 12.52 -19.32 -26.10
CA SER B 234 11.30 -18.81 -25.48
C SER B 234 11.00 -17.37 -25.88
N LEU B 235 9.79 -17.15 -26.35
CA LEU B 235 9.32 -15.82 -26.69
C LEU B 235 8.13 -15.38 -25.84
N HIS B 236 7.94 -14.07 -25.76
CA HIS B 236 6.79 -13.46 -25.15
C HIS B 236 6.03 -12.73 -26.22
N ARG B 237 4.79 -13.15 -26.49
CA ARG B 237 3.92 -12.45 -27.42
C ARG B 237 2.49 -12.39 -26.91
N LYS B 238 1.99 -11.18 -26.70
CA LYS B 238 0.63 -10.98 -26.21
C LYS B 238 -0.33 -10.62 -27.35
N GLY B 239 -1.63 -10.64 -27.07
CA GLY B 239 -2.65 -10.49 -28.09
C GLY B 239 -3.25 -9.11 -28.27
N ALA B 240 -3.01 -8.22 -27.32
CA ALA B 240 -3.69 -6.92 -27.26
C ALA B 240 -5.20 -7.07 -27.50
N ARG B 241 -5.78 -8.02 -26.77
CA ARG B 241 -7.22 -8.33 -26.83
C ARG B 241 -7.67 -9.24 -27.98
N SER B 242 -6.76 -9.59 -28.88
CA SER B 242 -7.05 -10.52 -29.96
C SER B 242 -6.45 -11.91 -29.71
N SER B 243 -7.25 -12.94 -29.89
CA SER B 243 -6.77 -14.32 -29.72
C SER B 243 -5.85 -14.77 -30.85
N ILE B 244 -6.35 -14.67 -32.10
CA ILE B 244 -5.61 -15.15 -33.26
C ILE B 244 -4.29 -14.39 -33.50
N SER B 245 -4.21 -13.17 -32.97
CA SER B 245 -3.03 -12.33 -33.16
C SER B 245 -1.78 -12.88 -32.49
N ILE B 246 -1.96 -13.63 -31.40
CA ILE B 246 -0.86 -14.31 -30.72
C ILE B 246 -0.17 -15.28 -31.68
N LEU B 247 -0.97 -16.15 -32.30
CA LEU B 247 -0.47 -17.13 -33.26
C LEU B 247 0.18 -16.48 -34.47
N GLU B 248 -0.43 -15.40 -34.98
CA GLU B 248 0.08 -14.71 -36.16
C GLU B 248 1.46 -14.15 -35.89
N GLN B 249 1.64 -13.58 -34.70
CA GLN B 249 2.93 -13.02 -34.28
C GLN B 249 3.97 -14.11 -34.15
N GLU B 250 3.60 -15.18 -33.44
CA GLU B 250 4.46 -16.35 -33.25
C GLU B 250 5.00 -16.91 -34.57
N LYS B 251 4.15 -16.93 -35.59
CA LYS B 251 4.53 -17.46 -36.90
C LYS B 251 5.58 -16.61 -37.61
N VAL B 252 5.47 -15.30 -37.45
CA VAL B 252 6.40 -14.35 -38.05
C VAL B 252 7.80 -14.55 -37.47
N VAL B 253 7.89 -14.57 -36.15
CA VAL B 253 9.15 -14.77 -35.45
C VAL B 253 9.76 -16.14 -35.75
N ALA B 254 8.96 -17.19 -35.63
CA ALA B 254 9.41 -18.56 -35.88
C ALA B 254 10.02 -18.71 -37.27
N GLN B 255 9.37 -18.12 -38.27
CA GLN B 255 9.88 -18.12 -39.63
C GLN B 255 11.25 -17.44 -39.72
N GLN B 256 11.38 -16.28 -39.07
CA GLN B 256 12.64 -15.52 -39.06
C GLN B 256 13.78 -16.31 -38.41
N ILE B 257 13.48 -17.00 -37.32
CA ILE B 257 14.41 -17.93 -36.69
C ILE B 257 14.77 -19.07 -37.66
N ARG B 258 13.76 -19.65 -38.29
CA ARG B 258 13.95 -20.76 -39.24
C ARG B 258 14.94 -20.41 -40.37
N GLN B 259 14.76 -19.24 -40.97
CA GLN B 259 15.62 -18.77 -42.07
C GLN B 259 17.02 -18.36 -41.60
N LEU B 260 17.09 -17.59 -40.52
CA LEU B 260 18.35 -17.01 -40.06
C LEU B 260 19.24 -17.97 -39.28
N PHE B 261 18.62 -18.91 -38.56
CA PHE B 261 19.37 -19.84 -37.73
C PHE B 261 19.03 -21.31 -38.03
N PRO B 262 19.48 -21.83 -39.19
CA PRO B 262 19.17 -23.18 -39.65
C PRO B 262 19.49 -24.30 -38.67
N LYS B 263 20.48 -24.08 -37.79
CA LYS B 263 20.83 -25.08 -36.78
C LYS B 263 19.76 -25.18 -35.69
N PHE B 264 18.88 -24.18 -35.64
CA PHE B 264 17.77 -24.17 -34.70
C PHE B 264 16.43 -24.51 -35.36
N ALA B 265 16.48 -25.23 -36.49
CA ALA B 265 15.29 -25.59 -37.25
C ALA B 265 14.33 -26.49 -36.48
N ASP B 266 14.87 -27.42 -35.72
CA ASP B 266 14.07 -28.34 -34.91
C ASP B 266 14.05 -27.92 -33.44
N THR B 267 14.63 -26.76 -33.13
CA THR B 267 14.72 -26.28 -31.75
C THR B 267 13.36 -25.80 -31.24
N PRO B 268 12.84 -26.47 -30.19
CA PRO B 268 11.50 -26.19 -29.67
C PRO B 268 11.28 -24.74 -29.28
N ILE B 269 10.10 -24.21 -29.61
CA ILE B 269 9.74 -22.84 -29.26
C ILE B 269 8.68 -22.80 -28.16
N TYR B 270 8.91 -21.91 -27.19
CA TYR B 270 7.97 -21.66 -26.10
C TYR B 270 7.42 -20.25 -26.23
N ASN B 271 6.13 -20.09 -25.99
CA ASN B 271 5.56 -18.78 -25.64
C ASN B 271 5.18 -18.79 -24.17
N ASP B 272 6.11 -18.39 -23.30
CA ASP B 272 5.87 -18.54 -21.85
C ASP B 272 5.25 -17.33 -21.13
N GLU B 273 4.82 -16.33 -21.91
CA GLU B 273 3.71 -15.44 -21.52
C GLU B 273 2.85 -15.08 -22.74
N ALA B 274 1.87 -15.95 -23.00
CA ALA B 274 1.02 -15.88 -24.19
C ALA B 274 -0.34 -15.29 -23.85
N ASP B 275 -0.34 -14.19 -23.10
CA ASP B 275 -1.56 -13.61 -22.55
C ASP B 275 -2.37 -12.82 -23.57
N PRO B 276 -3.70 -12.73 -23.36
CA PRO B 276 -4.58 -11.89 -24.18
C PRO B 276 -4.19 -10.41 -24.17
N LEU B 277 -3.80 -9.92 -23.00
CA LEU B 277 -3.41 -8.52 -22.85
C LEU B 277 -2.26 -8.37 -21.85
N VAL B 278 -1.31 -7.52 -22.22
CA VAL B 278 -0.18 -7.18 -21.35
C VAL B 278 -0.65 -6.38 -20.12
N GLY B 279 -0.01 -6.59 -18.97
CA GLY B 279 -0.32 -5.84 -17.75
C GLY B 279 -1.34 -6.53 -16.88
N TRP B 280 -0.87 -7.43 -16.02
CA TRP B 280 -1.75 -8.31 -15.25
C TRP B 280 -2.64 -7.57 -14.27
N SER B 281 -2.08 -6.51 -13.67
CA SER B 281 -2.73 -5.84 -12.54
C SER B 281 -3.78 -4.83 -12.99
N LEU B 282 -3.75 -4.48 -14.28
CA LEU B 282 -4.74 -3.59 -14.87
C LEU B 282 -6.12 -4.24 -14.82
N PRO B 283 -7.03 -3.71 -13.97
CA PRO B 283 -8.38 -4.29 -13.87
C PRO B 283 -9.09 -4.30 -15.22
N GLN B 284 -9.70 -5.45 -15.51
CA GLN B 284 -10.50 -5.64 -16.72
C GLN B 284 -11.69 -6.53 -16.32
N PRO B 285 -12.92 -6.13 -16.71
CA PRO B 285 -14.11 -6.91 -16.32
C PRO B 285 -14.08 -8.35 -16.82
N TRP B 286 -13.65 -8.56 -18.07
CA TRP B 286 -13.60 -9.89 -18.68
C TRP B 286 -12.61 -10.85 -18.01
N ARG B 287 -11.59 -10.31 -17.36
CA ARG B 287 -10.60 -11.13 -16.66
C ARG B 287 -11.17 -11.81 -15.42
N ALA B 288 -12.32 -11.34 -14.95
CA ALA B 288 -12.93 -11.80 -13.72
C ALA B 288 -13.72 -13.11 -13.84
N ASP B 289 -14.12 -13.45 -15.06
CA ASP B 289 -15.08 -14.54 -15.26
C ASP B 289 -14.78 -15.45 -16.46
N VAL B 290 -15.84 -16.04 -17.01
CA VAL B 290 -15.77 -17.00 -18.12
C VAL B 290 -15.37 -16.36 -19.46
N THR B 291 -15.33 -15.04 -19.53
CA THR B 291 -14.93 -14.38 -20.79
C THR B 291 -13.46 -14.64 -21.07
N TYR B 292 -12.65 -14.58 -20.01
CA TYR B 292 -11.22 -14.82 -20.09
C TYR B 292 -10.94 -16.33 -20.15
N ALA B 293 -11.67 -17.11 -19.36
CA ALA B 293 -11.55 -18.57 -19.37
C ALA B 293 -11.75 -19.14 -20.77
N ALA B 294 -12.86 -18.75 -21.41
CA ALA B 294 -13.18 -19.22 -22.75
C ALA B 294 -12.11 -18.81 -23.74
N MET B 295 -11.62 -17.57 -23.63
CA MET B 295 -10.60 -17.06 -24.56
C MET B 295 -9.30 -17.85 -24.47
N VAL B 296 -8.91 -18.21 -23.24
CA VAL B 296 -7.75 -19.07 -22.99
C VAL B 296 -7.88 -20.38 -23.78
N VAL B 297 -9.07 -20.97 -23.73
CA VAL B 297 -9.35 -22.23 -24.41
C VAL B 297 -9.31 -22.03 -25.93
N LYS B 298 -9.89 -20.93 -26.38
CA LYS B 298 -9.90 -20.54 -27.79
C LYS B 298 -8.48 -20.44 -28.35
N VAL B 299 -7.57 -19.84 -27.57
CA VAL B 299 -6.18 -19.62 -28.00
C VAL B 299 -5.46 -20.96 -28.18
N ILE B 300 -5.62 -21.83 -27.19
CA ILE B 300 -5.06 -23.18 -27.20
C ILE B 300 -5.60 -24.04 -28.34
N ALA B 301 -6.89 -23.89 -28.64
CA ALA B 301 -7.52 -24.56 -29.77
C ALA B 301 -6.93 -24.08 -31.10
N GLN B 302 -6.74 -22.77 -31.25
CA GLN B 302 -6.10 -22.20 -32.45
C GLN B 302 -4.68 -22.73 -32.64
N HIS B 303 -3.98 -22.92 -31.53
CA HIS B 303 -2.60 -23.40 -31.58
C HIS B 303 -2.52 -24.86 -31.97
N GLN B 304 -3.48 -25.65 -31.47
CA GLN B 304 -3.57 -27.06 -31.81
C GLN B 304 -4.05 -27.26 -33.24
N ASN B 305 -5.19 -26.66 -33.58
CA ASN B 305 -5.78 -26.86 -34.89
C ASN B 305 -5.09 -26.14 -36.05
N LEU B 306 -4.62 -24.92 -35.79
CA LEU B 306 -4.06 -24.07 -36.87
C LEU B 306 -2.53 -24.04 -36.94
N LEU B 307 -1.86 -24.60 -35.93
CA LEU B 307 -0.39 -24.64 -35.93
C LEU B 307 0.20 -26.05 -35.82
N LEU B 308 -0.25 -26.82 -34.83
CA LEU B 308 0.37 -28.11 -34.53
C LEU B 308 -0.21 -29.28 -35.30
N ALA B 309 -1.44 -29.14 -35.80
CA ALA B 309 -2.14 -30.22 -36.50
C ALA B 309 -1.58 -30.44 -37.91
N ASN B 310 -0.37 -30.99 -37.97
CA ASN B 310 0.37 -31.24 -39.22
C ASN B 310 0.11 -30.20 -40.32
N THR B 311 0.57 -28.98 -40.08
CA THR B 311 0.45 -27.88 -41.04
C THR B 311 1.56 -27.97 -42.08
N THR B 312 1.49 -27.14 -43.10
CA THR B 312 2.53 -27.06 -44.14
C THR B 312 3.89 -26.71 -43.52
N SER B 313 3.93 -25.59 -42.80
CA SER B 313 5.17 -25.10 -42.20
C SER B 313 5.62 -25.92 -40.98
N ALA B 314 4.65 -26.31 -40.15
CA ALA B 314 4.88 -27.11 -38.94
C ALA B 314 6.10 -26.65 -38.13
N PHE B 315 5.99 -25.48 -37.52
CA PHE B 315 7.04 -24.94 -36.66
C PHE B 315 7.08 -25.71 -35.35
N PRO B 316 8.28 -25.85 -34.75
CA PRO B 316 8.42 -26.70 -33.56
C PRO B 316 7.92 -26.06 -32.25
N TYR B 317 6.65 -25.71 -32.22
CA TYR B 317 6.02 -25.11 -31.04
C TYR B 317 5.83 -26.17 -29.94
N ALA B 318 6.25 -25.86 -28.72
CA ALA B 318 6.28 -26.88 -27.66
C ALA B 318 5.57 -26.51 -26.37
N LEU B 319 5.50 -25.20 -26.08
CA LEU B 319 4.90 -24.74 -24.83
C LEU B 319 4.18 -23.39 -24.95
N LEU B 320 3.04 -23.30 -24.28
CA LEU B 320 2.27 -22.08 -24.18
C LEU B 320 1.95 -21.85 -22.70
N SER B 321 2.30 -20.68 -22.18
CA SER B 321 2.02 -20.37 -20.77
C SER B 321 1.24 -19.08 -20.56
N ASN B 322 0.12 -19.20 -19.87
CA ASN B 322 -0.65 -18.05 -19.41
C ASN B 322 -0.09 -17.55 -18.08
N ASP B 323 0.42 -16.33 -18.09
CA ASP B 323 1.11 -15.78 -16.94
C ASP B 323 0.11 -15.22 -15.95
N ASN B 324 -0.56 -16.11 -15.23
CA ASN B 324 -1.68 -15.75 -14.36
C ASN B 324 -1.66 -16.34 -12.94
N ALA B 325 -0.47 -16.58 -12.40
CA ALA B 325 -0.35 -17.11 -11.04
C ALA B 325 -0.27 -16.01 -9.98
N PHE B 326 -0.42 -14.75 -10.43
CA PHE B 326 -0.39 -13.60 -9.54
C PHE B 326 -1.54 -13.65 -8.54
N LEU B 327 -1.33 -13.01 -7.38
CA LEU B 327 -2.38 -12.77 -6.40
C LEU B 327 -2.94 -11.37 -6.58
N SER B 328 -4.26 -11.24 -6.47
CA SER B 328 -4.91 -9.95 -6.74
C SER B 328 -4.90 -8.98 -5.56
N TYR B 329 -5.23 -7.73 -5.85
CA TYR B 329 -5.20 -6.64 -4.88
C TYR B 329 -6.54 -5.91 -4.77
N HIS B 330 -6.83 -5.40 -3.58
CA HIS B 330 -7.88 -4.39 -3.40
C HIS B 330 -7.59 -3.19 -4.31
N PRO B 331 -8.62 -2.63 -4.98
CA PRO B 331 -10.04 -2.95 -4.93
C PRO B 331 -10.50 -3.85 -6.09
N HIS B 332 -9.59 -4.65 -6.65
CA HIS B 332 -9.92 -5.46 -7.80
C HIS B 332 -9.66 -6.97 -7.58
N PRO B 333 -10.35 -7.58 -6.59
CA PRO B 333 -10.04 -8.99 -6.29
C PRO B 333 -10.24 -9.92 -7.48
N PHE B 334 -11.24 -9.63 -8.32
CA PHE B 334 -11.58 -10.51 -9.45
C PHE B 334 -11.02 -10.06 -10.80
N ALA B 335 -10.87 -8.76 -11.00
CA ALA B 335 -10.61 -8.19 -12.34
C ALA B 335 -9.16 -8.20 -12.83
N GLN B 336 -8.25 -8.76 -12.04
CA GLN B 336 -6.85 -8.85 -12.46
C GLN B 336 -6.56 -10.20 -13.12
N ARG B 337 -5.47 -10.29 -13.89
CA ARG B 337 -5.16 -11.52 -14.64
C ARG B 337 -4.58 -12.56 -13.68
N THR B 338 -5.47 -13.24 -12.97
CA THR B 338 -5.09 -14.15 -11.89
C THR B 338 -5.91 -15.44 -11.96
N LEU B 339 -5.30 -16.56 -11.60
CA LEU B 339 -6.03 -17.82 -11.53
C LEU B 339 -7.05 -17.81 -10.40
N THR B 340 -6.68 -17.16 -9.29
CA THR B 340 -7.55 -17.05 -8.13
C THR B 340 -7.81 -15.59 -7.80
N ALA B 341 -8.94 -15.34 -7.16
CA ALA B 341 -9.26 -14.02 -6.64
C ALA B 341 -8.95 -13.98 -5.15
N ARG B 342 -8.08 -13.06 -4.73
CA ARG B 342 -7.68 -12.96 -3.32
C ARG B 342 -8.61 -12.06 -2.51
N PHE B 343 -8.94 -12.52 -1.31
CA PHE B 343 -9.70 -11.73 -0.36
C PHE B 343 -8.96 -11.71 0.97
N GLN B 344 -8.36 -10.55 1.26
CA GLN B 344 -7.70 -10.33 2.52
C GLN B 344 -8.76 -9.90 3.55
N VAL B 345 -9.28 -10.87 4.29
CA VAL B 345 -10.29 -10.59 5.30
C VAL B 345 -9.56 -10.08 6.53
N ASN B 346 -9.50 -8.76 6.65
CA ASN B 346 -8.72 -8.13 7.70
C ASN B 346 -9.43 -8.02 9.05
N ASN B 347 -10.76 -8.14 9.04
CA ASN B 347 -11.56 -7.86 10.24
C ASN B 347 -11.77 -9.03 11.22
N THR B 348 -11.10 -10.15 10.98
CA THR B 348 -11.07 -11.25 11.92
C THR B 348 -9.85 -11.10 12.82
N ARG B 349 -9.87 -11.76 13.98
CA ARG B 349 -8.75 -11.74 14.91
C ARG B 349 -8.23 -13.16 15.10
N PRO B 350 -7.06 -13.49 14.50
CA PRO B 350 -6.21 -12.66 13.66
C PRO B 350 -6.77 -12.56 12.24
N PRO B 351 -6.29 -11.59 11.44
CA PRO B 351 -6.71 -11.51 10.02
C PRO B 351 -6.35 -12.77 9.24
N HIS B 352 -7.08 -13.04 8.17
CA HIS B 352 -6.80 -14.21 7.33
C HIS B 352 -7.03 -13.94 5.85
N VAL B 353 -6.63 -14.90 5.03
CA VAL B 353 -6.80 -14.82 3.57
C VAL B 353 -7.80 -15.89 3.10
N GLN B 354 -8.63 -15.51 2.13
CA GLN B 354 -9.51 -16.43 1.41
C GLN B 354 -9.24 -16.30 -0.08
N LEU B 355 -9.22 -17.44 -0.77
CA LEU B 355 -9.08 -17.45 -2.23
C LEU B 355 -10.32 -18.05 -2.86
N LEU B 356 -10.63 -17.58 -4.07
CA LEU B 356 -11.69 -18.18 -4.86
C LEU B 356 -11.16 -18.60 -6.21
N ARG B 357 -11.63 -19.76 -6.68
CA ARG B 357 -11.25 -20.29 -7.97
C ARG B 357 -12.02 -19.54 -9.05
N LYS B 358 -11.29 -18.83 -9.90
CA LYS B 358 -11.91 -18.11 -11.02
C LYS B 358 -12.15 -19.08 -12.17
N PRO B 359 -13.12 -18.75 -13.06
CA PRO B 359 -13.41 -19.62 -14.21
C PRO B 359 -12.19 -20.08 -14.99
N VAL B 360 -11.22 -19.20 -15.23
CA VAL B 360 -10.00 -19.57 -15.96
C VAL B 360 -9.32 -20.78 -15.32
N LEU B 361 -9.19 -20.76 -13.98
CA LEU B 361 -8.67 -21.93 -13.25
C LEU B 361 -9.53 -23.17 -13.54
N THR B 362 -10.84 -23.03 -13.41
CA THR B 362 -11.79 -24.11 -13.67
C THR B 362 -11.64 -24.67 -15.09
N ALA B 363 -11.50 -23.77 -16.07
CA ALA B 363 -11.31 -24.15 -17.47
C ALA B 363 -10.08 -25.03 -17.68
N MET B 364 -9.04 -24.81 -16.87
CA MET B 364 -7.83 -25.65 -16.90
C MET B 364 -8.14 -27.08 -16.47
N GLY B 365 -9.19 -27.24 -15.67
CA GLY B 365 -9.66 -28.55 -15.24
C GLY B 365 -10.40 -29.26 -16.35
N LEU B 366 -10.98 -28.48 -17.26
CA LEU B 366 -11.70 -29.01 -18.42
C LEU B 366 -10.73 -29.45 -19.51
N LEU B 367 -9.70 -28.64 -19.73
CA LEU B 367 -8.62 -28.96 -20.65
C LEU B 367 -7.84 -30.20 -20.20
N ALA B 368 -7.73 -30.39 -18.89
CA ALA B 368 -7.03 -31.54 -18.31
C ALA B 368 -7.65 -32.88 -18.69
N LEU B 369 -8.97 -32.88 -18.93
CA LEU B 369 -9.69 -34.10 -19.29
C LEU B 369 -9.46 -34.52 -20.75
N LEU B 370 -8.82 -33.65 -21.54
CA LEU B 370 -8.43 -34.02 -22.89
C LEU B 370 -7.34 -35.08 -22.86
N ASP B 371 -7.55 -36.13 -23.64
CA ASP B 371 -6.62 -37.26 -23.71
C ASP B 371 -5.61 -37.17 -24.87
N GLU B 372 -4.82 -38.23 -25.04
CA GLU B 372 -3.56 -38.16 -25.79
C GLU B 372 -3.66 -38.23 -27.32
N GLU B 373 -4.86 -38.43 -27.85
CA GLU B 373 -5.07 -38.51 -29.30
C GLU B 373 -6.12 -37.50 -29.74
N GLN B 374 -5.83 -36.77 -30.82
CA GLN B 374 -6.81 -35.83 -31.36
C GLN B 374 -7.74 -36.50 -32.35
N LEU B 375 -9.04 -36.34 -32.13
CA LEU B 375 -10.04 -36.84 -33.05
C LEU B 375 -10.28 -35.81 -34.13
N TRP B 376 -10.68 -36.30 -35.31
CA TRP B 376 -11.16 -35.45 -36.40
C TRP B 376 -12.43 -34.75 -35.92
N ALA B 377 -12.46 -33.44 -36.09
CA ALA B 377 -13.62 -32.63 -35.75
C ALA B 377 -13.78 -31.53 -36.78
N GLU B 378 -15.03 -31.16 -37.09
CA GLU B 378 -15.31 -30.09 -38.04
C GLU B 378 -16.49 -29.22 -37.60
N VAL B 379 -16.24 -27.91 -37.54
CA VAL B 379 -17.25 -26.92 -37.20
C VAL B 379 -17.75 -26.25 -38.47
N SER B 380 -19.07 -26.08 -38.58
CA SER B 380 -19.67 -25.42 -39.75
C SER B 380 -20.96 -24.67 -39.41
N GLN B 381 -21.33 -23.73 -40.28
CA GLN B 381 -22.59 -23.00 -40.14
C GLN B 381 -23.17 -22.71 -41.52
N ALA B 382 -24.35 -23.28 -41.77
CA ALA B 382 -25.06 -23.14 -43.05
C ALA B 382 -24.23 -23.64 -44.24
N GLY B 383 -23.40 -24.65 -43.99
CA GLY B 383 -22.57 -25.25 -45.05
C GLY B 383 -21.11 -24.83 -45.09
N THR B 384 -20.81 -23.63 -44.58
CA THR B 384 -19.43 -23.11 -44.61
C THR B 384 -18.62 -23.63 -43.41
N VAL B 385 -17.47 -24.22 -43.72
CA VAL B 385 -16.56 -24.77 -42.71
C VAL B 385 -15.83 -23.63 -42.01
N LEU B 386 -15.98 -23.56 -40.69
CA LEU B 386 -15.32 -22.54 -39.88
C LEU B 386 -14.18 -23.15 -39.07
N ASP B 387 -12.96 -22.68 -39.30
CA ASP B 387 -11.82 -23.11 -38.50
C ASP B 387 -11.84 -22.41 -37.13
N SER B 388 -10.77 -22.56 -36.35
CA SER B 388 -10.75 -22.02 -34.99
C SER B 388 -10.55 -20.51 -34.95
N ASN B 389 -10.16 -19.93 -36.08
CA ASN B 389 -10.10 -18.47 -36.22
C ASN B 389 -11.52 -17.86 -36.27
N HIS B 390 -12.40 -18.35 -35.40
CA HIS B 390 -13.79 -17.88 -35.34
C HIS B 390 -14.34 -17.95 -33.92
N THR B 391 -15.59 -17.52 -33.76
CA THR B 391 -16.22 -17.33 -32.46
C THR B 391 -16.60 -18.64 -31.75
N VAL B 392 -16.79 -19.70 -32.53
CA VAL B 392 -17.09 -21.03 -32.00
C VAL B 392 -16.04 -22.01 -32.54
N GLY B 393 -15.57 -22.89 -31.66
CA GLY B 393 -14.63 -23.94 -32.02
C GLY B 393 -14.65 -25.12 -31.07
N VAL B 394 -13.79 -26.11 -31.33
CA VAL B 394 -13.87 -27.42 -30.68
C VAL B 394 -12.50 -28.10 -30.57
N LEU B 395 -12.33 -28.87 -29.50
CA LEU B 395 -11.19 -29.78 -29.37
C LEU B 395 -11.68 -31.13 -28.92
N ALA B 396 -11.42 -32.14 -29.73
CA ALA B 396 -11.88 -33.49 -29.46
C ALA B 396 -10.71 -34.44 -29.36
N SER B 397 -10.63 -35.14 -28.25
CA SER B 397 -9.60 -36.15 -28.04
C SER B 397 -10.22 -37.53 -27.88
N ALA B 398 -9.37 -38.55 -27.88
CA ALA B 398 -9.77 -39.91 -27.51
C ALA B 398 -8.63 -40.55 -26.76
N HIS B 399 -8.95 -41.60 -26.00
CA HIS B 399 -7.97 -42.29 -25.15
C HIS B 399 -7.85 -43.76 -25.55
N ARG B 400 -6.63 -44.25 -25.52
CA ARG B 400 -6.34 -45.66 -25.77
C ARG B 400 -6.22 -46.38 -24.43
N PRO B 401 -7.17 -47.29 -24.14
CA PRO B 401 -7.22 -48.03 -22.88
C PRO B 401 -5.95 -48.83 -22.56
N GLN B 402 -5.64 -48.92 -21.28
CA GLN B 402 -4.48 -49.67 -20.79
C GLN B 402 -4.82 -50.40 -19.49
N GLY B 403 -5.37 -51.60 -19.62
CA GLY B 403 -5.64 -52.45 -18.46
C GLY B 403 -7.02 -52.31 -17.84
N PRO B 404 -7.32 -53.16 -16.82
CA PRO B 404 -8.65 -53.27 -16.22
C PRO B 404 -9.10 -52.09 -15.34
N ALA B 405 -8.21 -51.15 -15.06
CA ALA B 405 -8.58 -49.94 -14.31
C ALA B 405 -8.82 -48.72 -15.23
N ASP B 406 -8.82 -48.98 -16.54
CA ASP B 406 -8.94 -47.93 -17.56
C ASP B 406 -9.86 -48.41 -18.70
N ALA B 407 -10.43 -47.46 -19.45
CA ALA B 407 -11.28 -47.77 -20.59
C ALA B 407 -11.25 -46.65 -21.64
N TRP B 408 -11.76 -46.94 -22.83
CA TRP B 408 -11.81 -45.95 -23.91
C TRP B 408 -12.52 -44.68 -23.44
N ARG B 409 -12.04 -43.53 -23.90
CA ARG B 409 -12.65 -42.24 -23.57
C ARG B 409 -12.62 -41.30 -24.76
N ALA B 410 -13.64 -40.46 -24.85
CA ALA B 410 -13.60 -39.32 -25.72
C ALA B 410 -13.95 -38.07 -24.91
N ALA B 411 -13.19 -37.00 -25.14
CA ALA B 411 -13.46 -35.70 -24.55
C ALA B 411 -13.63 -34.69 -25.67
N VAL B 412 -14.78 -34.01 -25.67
CA VAL B 412 -15.07 -32.96 -26.64
C VAL B 412 -15.34 -31.65 -25.92
N LEU B 413 -14.40 -30.73 -26.04
CA LEU B 413 -14.53 -29.41 -25.43
C LEU B 413 -14.92 -28.38 -26.50
N ILE B 414 -16.08 -27.77 -26.32
CA ILE B 414 -16.56 -26.71 -27.21
C ILE B 414 -16.50 -25.36 -26.51
N TYR B 415 -15.92 -24.37 -27.21
CA TYR B 415 -15.87 -23.00 -26.72
C TYR B 415 -16.77 -22.10 -27.54
N ALA B 416 -17.44 -21.19 -26.84
CA ALA B 416 -18.11 -20.07 -27.47
C ALA B 416 -17.46 -18.83 -26.90
N SER B 417 -16.71 -18.11 -27.73
CA SER B 417 -15.89 -16.98 -27.26
C SER B 417 -15.62 -15.93 -28.34
N ASP B 418 -15.94 -14.67 -28.02
CA ASP B 418 -15.55 -13.53 -28.83
C ASP B 418 -14.43 -12.75 -28.14
N ASP B 419 -13.29 -13.42 -27.97
CA ASP B 419 -12.12 -12.87 -27.28
C ASP B 419 -12.51 -12.16 -25.96
N THR B 420 -12.21 -10.86 -25.85
CA THR B 420 -12.47 -10.09 -24.63
C THR B 420 -13.89 -9.56 -24.53
N ARG B 421 -14.68 -9.75 -25.59
CA ARG B 421 -16.05 -9.26 -25.66
C ARG B 421 -17.06 -10.32 -25.23
N ALA B 422 -17.94 -9.96 -24.29
CA ALA B 422 -19.05 -10.81 -23.87
C ALA B 422 -20.35 -10.28 -24.45
N HIS B 423 -21.23 -11.21 -24.85
CA HIS B 423 -22.55 -10.85 -25.38
C HIS B 423 -23.67 -11.55 -24.59
N PRO B 424 -24.12 -10.92 -23.49
CA PRO B 424 -25.05 -11.51 -22.53
C PRO B 424 -26.47 -11.69 -23.06
N ASN B 425 -26.78 -11.07 -24.20
CA ASN B 425 -28.08 -11.23 -24.85
C ASN B 425 -28.09 -12.37 -25.87
N ARG B 426 -26.92 -12.69 -26.41
CA ARG B 426 -26.79 -13.69 -27.48
C ARG B 426 -27.01 -15.12 -26.99
N SER B 427 -27.53 -15.96 -27.86
CA SER B 427 -27.67 -17.38 -27.62
C SER B 427 -27.23 -18.14 -28.86
N VAL B 428 -26.27 -19.04 -28.68
CA VAL B 428 -25.68 -19.76 -29.81
C VAL B 428 -26.22 -21.19 -29.89
N ALA B 429 -26.91 -21.47 -30.99
CA ALA B 429 -27.44 -22.80 -31.25
C ALA B 429 -26.33 -23.68 -31.78
N VAL B 430 -26.11 -24.80 -31.11
CA VAL B 430 -25.08 -25.76 -31.51
C VAL B 430 -25.67 -27.16 -31.66
N THR B 431 -25.43 -27.78 -32.82
CA THR B 431 -25.78 -29.19 -33.02
C THR B 431 -24.51 -30.03 -33.04
N LEU B 432 -24.35 -30.85 -31.99
CA LEU B 432 -23.19 -31.74 -31.86
C LEU B 432 -23.51 -33.11 -32.42
N ARG B 433 -22.85 -33.47 -33.51
CA ARG B 433 -23.01 -34.79 -34.12
C ARG B 433 -21.79 -35.66 -33.87
N LEU B 434 -21.88 -36.51 -32.86
CA LEU B 434 -20.82 -37.46 -32.54
C LEU B 434 -21.10 -38.82 -33.16
N ARG B 435 -20.12 -39.34 -33.90
CA ARG B 435 -20.25 -40.63 -34.58
C ARG B 435 -18.96 -41.44 -34.47
N GLY B 436 -19.03 -42.71 -34.87
CA GLY B 436 -17.88 -43.60 -34.83
C GLY B 436 -17.43 -44.02 -33.44
N VAL B 437 -18.32 -43.92 -32.44
CA VAL B 437 -17.99 -44.35 -31.08
C VAL B 437 -17.86 -45.88 -31.04
N PRO B 438 -16.63 -46.38 -30.79
CA PRO B 438 -16.42 -47.82 -30.76
C PRO B 438 -17.25 -48.47 -29.65
N PRO B 439 -17.65 -49.75 -29.86
CA PRO B 439 -18.44 -50.49 -28.86
C PRO B 439 -17.60 -50.78 -27.62
N GLY B 440 -18.25 -50.81 -26.45
CA GLY B 440 -17.57 -51.03 -25.17
C GLY B 440 -18.56 -51.11 -24.03
N PRO B 441 -18.11 -51.57 -22.84
CA PRO B 441 -19.04 -51.76 -21.72
C PRO B 441 -19.52 -50.44 -21.10
N GLY B 442 -20.78 -50.43 -20.67
CA GLY B 442 -21.35 -49.35 -19.86
C GLY B 442 -21.07 -47.92 -20.30
N LEU B 443 -21.15 -47.68 -21.62
CA LEU B 443 -20.92 -46.36 -22.19
C LEU B 443 -21.87 -45.31 -21.63
N VAL B 444 -21.30 -44.28 -21.03
CA VAL B 444 -22.09 -43.14 -20.52
C VAL B 444 -21.44 -41.85 -20.97
N TYR B 445 -22.20 -40.74 -20.92
CA TYR B 445 -21.62 -39.44 -21.22
C TYR B 445 -22.05 -38.40 -20.21
N VAL B 446 -21.12 -37.49 -19.91
CA VAL B 446 -21.35 -36.42 -18.94
C VAL B 446 -21.00 -35.07 -19.56
N THR B 447 -21.89 -34.10 -19.42
CA THR B 447 -21.61 -32.75 -19.87
C THR B 447 -21.24 -31.86 -18.68
N ARG B 448 -20.22 -31.03 -18.89
CA ARG B 448 -19.85 -29.99 -17.93
C ARG B 448 -19.89 -28.65 -18.64
N TYR B 449 -20.48 -27.65 -17.98
CA TYR B 449 -20.79 -26.37 -18.63
C TYR B 449 -20.53 -25.18 -17.71
N LEU B 450 -19.95 -24.13 -18.29
CA LEU B 450 -19.66 -22.87 -17.61
C LEU B 450 -20.12 -21.69 -18.46
N ASP B 451 -20.84 -20.76 -17.83
CA ASP B 451 -21.06 -19.42 -18.41
C ASP B 451 -21.17 -18.37 -17.30
N ASN B 452 -21.20 -17.09 -17.69
CA ASN B 452 -21.24 -15.98 -16.76
C ASN B 452 -22.47 -15.97 -15.88
N GLY B 453 -23.57 -16.53 -16.39
CA GLY B 453 -24.81 -16.64 -15.64
C GLY B 453 -24.72 -17.60 -14.47
N LEU B 454 -24.20 -18.80 -14.73
CA LEU B 454 -24.30 -19.90 -13.77
C LEU B 454 -23.05 -20.14 -12.92
N CYS B 455 -21.87 -19.90 -13.50
CA CYS B 455 -20.62 -20.27 -12.84
C CYS B 455 -19.63 -19.11 -12.70
N SER B 456 -20.10 -18.00 -12.10
CA SER B 456 -19.27 -16.82 -11.91
C SER B 456 -19.30 -16.32 -10.46
N PRO B 457 -18.27 -16.66 -9.66
CA PRO B 457 -18.21 -16.17 -8.28
C PRO B 457 -18.10 -14.65 -8.21
N ASP B 458 -17.54 -14.03 -9.26
CA ASP B 458 -17.54 -12.59 -9.43
C ASP B 458 -18.97 -12.06 -9.50
N GLY B 459 -19.77 -12.64 -10.39
CA GLY B 459 -21.19 -12.33 -10.50
C GLY B 459 -21.90 -12.47 -9.17
N GLU B 460 -21.55 -13.52 -8.42
CA GLU B 460 -22.11 -13.71 -7.07
C GLU B 460 -21.64 -12.59 -6.14
N TRP B 461 -20.35 -12.26 -6.21
CA TRP B 461 -19.80 -11.16 -5.42
C TRP B 461 -20.53 -9.85 -5.68
N ARG B 462 -20.73 -9.53 -6.97
CA ARG B 462 -21.40 -8.29 -7.37
C ARG B 462 -22.90 -8.25 -7.04
N ARG B 463 -23.58 -9.39 -7.21
CA ARG B 463 -24.97 -9.56 -6.77
C ARG B 463 -25.12 -9.34 -5.25
N LEU B 464 -24.08 -9.68 -4.50
CA LEU B 464 -24.06 -9.46 -3.06
C LEU B 464 -23.67 -8.02 -2.71
N GLY B 465 -23.28 -7.23 -3.72
CA GLY B 465 -23.01 -5.81 -3.53
C GLY B 465 -21.55 -5.45 -3.35
N ARG B 466 -20.66 -6.30 -3.88
CA ARG B 466 -19.20 -6.10 -3.82
C ARG B 466 -18.59 -5.96 -2.41
N PRO B 467 -18.98 -6.83 -1.46
CA PRO B 467 -18.42 -6.66 -0.11
C PRO B 467 -16.90 -6.77 -0.09
N VAL B 468 -16.26 -5.82 0.61
CA VAL B 468 -14.80 -5.79 0.74
C VAL B 468 -14.28 -6.88 1.68
N PHE B 469 -14.89 -7.03 2.85
CA PHE B 469 -14.64 -8.18 3.72
C PHE B 469 -15.89 -9.05 3.81
N PRO B 470 -16.06 -9.97 2.84
CA PRO B 470 -17.26 -10.79 2.79
C PRO B 470 -17.35 -11.71 4.02
N THR B 471 -18.56 -11.91 4.53
CA THR B 471 -18.81 -12.79 5.67
C THR B 471 -18.67 -14.24 5.23
N ALA B 472 -18.46 -15.13 6.20
CA ALA B 472 -18.42 -16.57 5.94
C ALA B 472 -19.56 -17.02 5.01
N GLU B 473 -20.78 -16.59 5.30
CA GLU B 473 -21.96 -16.93 4.53
C GLU B 473 -21.86 -16.47 3.07
N GLN B 474 -21.38 -15.24 2.89
CA GLN B 474 -21.24 -14.67 1.55
C GLN B 474 -20.17 -15.41 0.76
N PHE B 475 -19.14 -15.91 1.45
CA PHE B 475 -18.11 -16.73 0.83
C PHE B 475 -18.67 -18.05 0.32
N ARG B 476 -19.67 -18.58 1.01
CA ARG B 476 -20.32 -19.83 0.59
C ARG B 476 -21.16 -19.66 -0.67
N ARG B 477 -21.82 -18.50 -0.82
N ARG B 477 -21.80 -18.49 -0.82
CA ARG B 477 -22.59 -18.17 -2.02
CA ARG B 477 -22.57 -18.17 -2.01
C ARG B 477 -21.69 -18.05 -3.25
C ARG B 477 -21.68 -18.07 -3.24
N MET B 478 -20.55 -17.40 -3.06
CA MET B 478 -19.60 -17.16 -4.16
C MET B 478 -18.94 -18.47 -4.59
N ARG B 479 -18.54 -19.30 -3.62
CA ARG B 479 -17.88 -20.57 -3.90
C ARG B 479 -18.82 -21.57 -4.59
N ALA B 480 -20.12 -21.44 -4.32
CA ALA B 480 -21.14 -22.27 -4.96
C ALA B 480 -21.22 -22.07 -6.49
N ALA B 481 -20.49 -21.09 -7.00
CA ALA B 481 -20.43 -20.82 -8.44
C ALA B 481 -19.08 -21.14 -9.07
N GLU B 482 -18.18 -21.75 -8.30
CA GLU B 482 -16.85 -22.13 -8.81
C GLU B 482 -16.93 -23.23 -9.84
N ASP B 483 -17.59 -24.33 -9.46
CA ASP B 483 -17.68 -25.54 -10.29
C ASP B 483 -18.58 -25.35 -11.52
N PRO B 484 -18.34 -26.16 -12.58
CA PRO B 484 -19.24 -26.13 -13.74
C PRO B 484 -20.55 -26.83 -13.41
N VAL B 485 -21.58 -26.52 -14.20
CA VAL B 485 -22.85 -27.23 -14.14
C VAL B 485 -22.64 -28.63 -14.69
N ALA B 486 -22.82 -29.64 -13.83
CA ALA B 486 -22.66 -31.02 -14.26
C ALA B 486 -24.00 -31.74 -14.38
N ALA B 487 -24.16 -32.48 -15.47
CA ALA B 487 -25.31 -33.37 -15.64
C ALA B 487 -24.88 -34.78 -15.29
N ALA B 488 -25.81 -35.55 -14.72
CA ALA B 488 -25.51 -36.92 -14.27
C ALA B 488 -25.17 -37.83 -15.46
N PRO B 489 -24.35 -38.89 -15.22
CA PRO B 489 -24.01 -39.80 -16.30
C PRO B 489 -25.25 -40.35 -17.01
N ARG B 490 -25.26 -40.23 -18.33
CA ARG B 490 -26.36 -40.68 -19.16
C ARG B 490 -25.89 -41.75 -20.13
N PRO B 491 -26.61 -42.90 -20.20
CA PRO B 491 -26.31 -43.94 -21.17
C PRO B 491 -26.32 -43.39 -22.59
N LEU B 492 -25.29 -43.76 -23.34
CA LEU B 492 -25.21 -43.45 -24.76
C LEU B 492 -26.31 -44.24 -25.47
N PRO B 493 -26.95 -43.63 -26.48
CA PRO B 493 -27.93 -44.40 -27.27
C PRO B 493 -27.27 -45.56 -28.01
N ALA B 494 -28.07 -46.52 -28.44
CA ALA B 494 -27.54 -47.68 -29.16
C ALA B 494 -27.14 -47.30 -30.58
N GLY B 495 -26.14 -47.99 -31.11
CA GLY B 495 -25.64 -47.71 -32.46
C GLY B 495 -24.32 -46.96 -32.48
N GLY B 496 -23.98 -46.34 -31.34
CA GLY B 496 -22.71 -45.63 -31.18
C GLY B 496 -22.69 -44.22 -31.71
N ARG B 497 -23.82 -43.51 -31.56
CA ARG B 497 -23.96 -42.14 -32.03
C ARG B 497 -24.60 -41.29 -30.95
N LEU B 498 -24.24 -40.02 -30.92
CA LEU B 498 -24.83 -39.08 -29.97
C LEU B 498 -25.01 -37.73 -30.63
N THR B 499 -26.24 -37.23 -30.56
CA THR B 499 -26.55 -35.93 -31.13
C THR B 499 -27.21 -35.05 -30.08
N LEU B 500 -26.49 -34.05 -29.63
CA LEU B 500 -26.97 -33.13 -28.60
C LEU B 500 -27.15 -31.75 -29.19
N ARG B 501 -28.17 -31.04 -28.72
CA ARG B 501 -28.46 -29.69 -29.19
C ARG B 501 -28.38 -28.67 -28.04
N PRO B 502 -27.16 -28.33 -27.59
CA PRO B 502 -27.02 -27.33 -26.53
C PRO B 502 -27.12 -25.91 -27.06
N ALA B 503 -27.72 -25.03 -26.27
CA ALA B 503 -27.69 -23.60 -26.53
C ALA B 503 -26.64 -23.02 -25.61
N LEU B 504 -25.61 -22.43 -26.20
CA LEU B 504 -24.47 -21.94 -25.44
C LEU B 504 -24.47 -20.42 -25.38
N ARG B 505 -24.16 -19.88 -24.20
CA ARG B 505 -24.03 -18.43 -24.05
C ARG B 505 -22.69 -17.94 -24.62
N LEU B 506 -22.52 -16.62 -24.64
CA LEU B 506 -21.32 -16.03 -25.23
C LEU B 506 -20.74 -15.01 -24.25
N PRO B 507 -19.76 -15.42 -23.43
CA PRO B 507 -18.96 -16.66 -23.50
C PRO B 507 -19.57 -17.90 -22.85
N SER B 508 -19.05 -19.07 -23.20
CA SER B 508 -19.42 -20.34 -22.58
C SER B 508 -18.43 -21.44 -22.95
N LEU B 509 -18.30 -22.42 -22.06
CA LEU B 509 -17.54 -23.63 -22.32
C LEU B 509 -18.39 -24.85 -22.01
N LEU B 510 -18.36 -25.81 -22.92
CA LEU B 510 -19.05 -27.08 -22.74
C LEU B 510 -18.11 -28.24 -23.00
N LEU B 511 -18.00 -29.13 -22.03
CA LEU B 511 -17.23 -30.35 -22.21
C LEU B 511 -18.13 -31.60 -22.17
N VAL B 512 -18.11 -32.35 -23.26
CA VAL B 512 -18.85 -33.61 -23.34
C VAL B 512 -17.87 -34.76 -23.14
N HIS B 513 -18.13 -35.59 -22.15
CA HIS B 513 -17.23 -36.68 -21.76
C HIS B 513 -17.93 -38.03 -21.93
N VAL B 514 -17.44 -38.82 -22.88
CA VAL B 514 -17.99 -40.14 -23.19
C VAL B 514 -17.01 -41.19 -22.68
N CYS B 515 -17.45 -42.02 -21.74
N CYS B 515 -17.45 -41.99 -21.72
CA CYS B 515 -16.54 -42.98 -21.12
CA CYS B 515 -16.60 -42.99 -21.07
C CYS B 515 -17.13 -44.39 -21.02
C CYS B 515 -17.18 -44.39 -21.14
N ALA B 516 -16.31 -45.36 -21.41
CA ALA B 516 -16.65 -46.75 -21.25
C ALA B 516 -16.27 -47.14 -19.83
N ARG B 517 -16.92 -48.16 -19.29
CA ARG B 517 -16.72 -48.58 -17.91
C ARG B 517 -15.42 -49.41 -17.79
N PRO B 518 -14.45 -48.93 -16.98
CA PRO B 518 -13.31 -49.80 -16.64
C PRO B 518 -13.77 -50.99 -15.80
N GLU B 519 -13.04 -52.11 -15.89
CA GLU B 519 -13.41 -53.32 -15.18
C GLU B 519 -13.34 -53.09 -13.68
N LYS B 520 -12.26 -52.48 -13.22
CA LYS B 520 -12.07 -52.21 -11.80
C LYS B 520 -12.38 -50.75 -11.46
N PRO B 521 -12.76 -50.47 -10.20
CA PRO B 521 -13.09 -49.12 -9.75
C PRO B 521 -11.87 -48.19 -9.68
N PRO B 522 -12.07 -46.91 -9.29
CA PRO B 522 -10.96 -45.97 -9.14
C PRO B 522 -9.94 -46.38 -8.06
N GLY B 523 -8.75 -45.78 -8.12
CA GLY B 523 -7.73 -46.00 -7.10
C GLY B 523 -7.90 -45.10 -5.89
N GLN B 524 -6.88 -45.09 -5.04
CA GLN B 524 -6.94 -44.40 -3.75
C GLN B 524 -6.51 -42.94 -3.83
N VAL B 525 -7.23 -42.09 -3.11
CA VAL B 525 -6.84 -40.70 -2.92
C VAL B 525 -5.63 -40.65 -1.99
N THR B 526 -4.62 -39.87 -2.37
CA THR B 526 -3.38 -39.78 -1.59
C THR B 526 -3.04 -38.35 -1.16
N ARG B 527 -2.08 -38.23 -0.25
CA ARG B 527 -1.53 -36.94 0.22
C ARG B 527 -2.57 -35.97 0.78
N LEU B 528 -3.66 -36.49 1.36
CA LEU B 528 -4.67 -35.62 1.92
C LEU B 528 -4.10 -34.85 3.11
N ARG B 529 -4.32 -33.53 3.12
CA ARG B 529 -3.95 -32.68 4.25
C ARG B 529 -4.97 -31.58 4.49
N ALA B 530 -5.03 -31.12 5.74
CA ALA B 530 -5.99 -30.11 6.17
C ALA B 530 -5.25 -28.87 6.67
N LEU B 531 -5.45 -27.75 5.97
CA LEU B 531 -4.78 -26.49 6.30
C LEU B 531 -5.76 -25.46 6.85
N PRO B 532 -5.45 -24.88 8.03
CA PRO B 532 -6.33 -23.90 8.68
C PRO B 532 -6.51 -22.63 7.84
N LEU B 533 -7.72 -22.10 7.80
CA LEU B 533 -7.99 -20.85 7.09
C LEU B 533 -8.28 -19.73 8.08
N THR B 534 -9.17 -20.03 9.03
CA THR B 534 -9.60 -19.13 10.08
C THR B 534 -10.43 -19.96 11.07
N GLN B 535 -10.89 -19.36 12.16
CA GLN B 535 -11.73 -20.10 13.11
C GLN B 535 -13.01 -20.60 12.41
N GLY B 536 -13.25 -21.90 12.50
CA GLY B 536 -14.43 -22.52 11.89
C GLY B 536 -14.26 -22.93 10.43
N GLN B 537 -13.05 -22.79 9.89
CA GLN B 537 -12.79 -23.06 8.47
C GLN B 537 -11.42 -23.67 8.19
N LEU B 538 -11.37 -24.51 7.17
CA LEU B 538 -10.13 -25.12 6.74
C LEU B 538 -10.22 -25.46 5.27
N VAL B 539 -9.08 -25.77 4.66
CA VAL B 539 -9.06 -26.23 3.28
C VAL B 539 -8.46 -27.63 3.21
N LEU B 540 -9.16 -28.53 2.52
CA LEU B 540 -8.68 -29.89 2.28
C LEU B 540 -8.01 -29.99 0.92
N VAL B 541 -6.80 -30.55 0.90
CA VAL B 541 -6.03 -30.73 -0.33
C VAL B 541 -5.62 -32.20 -0.45
N TRP B 542 -5.64 -32.72 -1.67
CA TRP B 542 -5.29 -34.11 -1.93
C TRP B 542 -4.79 -34.28 -3.36
N SER B 543 -4.19 -35.43 -3.64
CA SER B 543 -3.67 -35.76 -4.96
C SER B 543 -4.49 -36.84 -5.62
N ASP B 544 -4.65 -36.74 -6.94
CA ASP B 544 -5.32 -37.76 -7.74
C ASP B 544 -4.32 -38.63 -8.52
N GLU B 545 -3.08 -38.69 -8.05
CA GLU B 545 -1.99 -39.39 -8.74
C GLU B 545 -2.31 -40.87 -9.04
N HIS B 546 -2.91 -41.56 -8.07
CA HIS B 546 -3.20 -42.99 -8.19
C HIS B 546 -4.69 -43.33 -8.28
N VAL B 547 -5.52 -42.40 -8.75
CA VAL B 547 -6.96 -42.70 -8.92
C VAL B 547 -7.23 -43.44 -10.22
N GLY B 548 -6.32 -43.31 -11.18
CA GLY B 548 -6.46 -43.94 -12.47
C GLY B 548 -7.33 -43.12 -13.39
N SER B 549 -8.50 -43.68 -13.72
CA SER B 549 -9.39 -43.16 -14.76
C SER B 549 -9.87 -41.71 -14.55
N LYS B 550 -10.05 -41.01 -15.67
CA LYS B 550 -10.52 -39.62 -15.67
C LYS B 550 -12.05 -39.49 -15.65
N CYS B 551 -12.74 -40.63 -15.66
N CYS B 551 -12.75 -40.63 -15.68
CA CYS B 551 -14.19 -40.67 -15.65
CA CYS B 551 -14.21 -40.64 -15.64
C CYS B 551 -14.71 -40.55 -14.21
C CYS B 551 -14.71 -40.55 -14.22
N LEU B 552 -14.53 -39.38 -13.61
CA LEU B 552 -14.91 -39.17 -12.21
C LEU B 552 -16.04 -38.16 -12.03
N TRP B 553 -17.01 -38.53 -11.20
CA TRP B 553 -18.15 -37.68 -10.92
C TRP B 553 -17.76 -36.57 -9.93
N THR B 554 -17.35 -36.97 -8.73
CA THR B 554 -16.93 -36.06 -7.68
C THR B 554 -16.01 -36.80 -6.69
N TYR B 555 -15.45 -36.06 -5.74
CA TYR B 555 -14.77 -36.69 -4.61
C TYR B 555 -15.66 -36.58 -3.38
N GLU B 556 -16.05 -37.71 -2.82
CA GLU B 556 -16.81 -37.72 -1.58
C GLU B 556 -15.88 -37.41 -0.42
N ILE B 557 -16.23 -36.39 0.37
CA ILE B 557 -15.49 -36.07 1.59
C ILE B 557 -16.33 -36.49 2.78
N GLN B 558 -15.70 -37.11 3.77
CA GLN B 558 -16.39 -37.49 4.99
C GLN B 558 -15.70 -36.86 6.21
N PHE B 559 -16.50 -36.61 7.25
CA PHE B 559 -16.01 -35.95 8.46
C PHE B 559 -16.51 -36.69 9.69
N SER B 560 -15.63 -36.85 10.67
CA SER B 560 -15.95 -37.56 11.90
C SER B 560 -15.57 -36.73 13.11
N GLN B 561 -16.58 -36.33 13.89
CA GLN B 561 -16.35 -35.65 15.16
C GLN B 561 -16.46 -36.66 16.31
N ASP B 562 -15.96 -36.28 17.48
CA ASP B 562 -16.22 -36.99 18.74
C ASP B 562 -16.06 -38.52 18.73
N GLY B 563 -15.37 -39.04 17.72
CA GLY B 563 -15.23 -40.49 17.54
C GLY B 563 -16.41 -41.18 16.87
N LYS B 564 -17.51 -40.45 16.67
CA LYS B 564 -18.69 -40.99 15.98
C LYS B 564 -18.43 -41.18 14.48
N ALA B 565 -19.29 -41.96 13.83
CA ALA B 565 -19.10 -42.37 12.44
C ALA B 565 -18.91 -41.23 11.44
N TYR B 566 -18.16 -41.50 10.37
CA TYR B 566 -17.94 -40.53 9.31
C TYR B 566 -19.25 -40.18 8.62
N THR B 567 -19.44 -38.92 8.29
CA THR B 567 -20.66 -38.44 7.66
C THR B 567 -20.33 -37.64 6.40
N PRO B 568 -21.01 -37.94 5.28
CA PRO B 568 -20.72 -37.24 4.03
C PRO B 568 -20.94 -35.74 4.15
N VAL B 569 -20.02 -34.95 3.59
CA VAL B 569 -20.19 -33.51 3.53
C VAL B 569 -20.89 -33.17 2.21
N SER B 570 -22.07 -32.57 2.31
CA SER B 570 -22.87 -32.19 1.14
C SER B 570 -22.23 -31.04 0.37
N ARG B 571 -22.05 -31.23 -0.93
CA ARG B 571 -21.44 -30.21 -1.79
C ARG B 571 -21.72 -30.48 -3.26
N LYS B 572 -21.51 -29.48 -4.10
CA LYS B 572 -21.59 -29.61 -5.56
C LYS B 572 -20.66 -30.72 -6.06
N PRO B 573 -21.02 -31.39 -7.17
CA PRO B 573 -20.10 -32.34 -7.80
C PRO B 573 -18.87 -31.61 -8.33
N SER B 574 -17.70 -32.08 -7.94
CA SER B 574 -16.44 -31.40 -8.23
C SER B 574 -15.28 -32.39 -8.30
N THR B 575 -14.49 -32.30 -9.36
CA THR B 575 -13.27 -33.13 -9.47
C THR B 575 -12.02 -32.32 -9.12
N PHE B 576 -12.20 -31.08 -8.66
CA PHE B 576 -11.08 -30.25 -8.21
C PHE B 576 -10.48 -30.81 -6.91
N ASN B 577 -9.15 -30.93 -6.90
CA ASN B 577 -8.44 -31.63 -5.83
C ASN B 577 -8.28 -30.83 -4.54
N LEU B 578 -9.23 -29.95 -4.29
CA LEU B 578 -9.21 -29.04 -3.16
C LEU B 578 -10.64 -28.67 -2.78
N PHE B 579 -10.93 -28.56 -1.49
CA PHE B 579 -12.23 -28.09 -1.04
C PHE B 579 -12.12 -27.23 0.23
N VAL B 580 -12.68 -26.02 0.18
CA VAL B 580 -12.77 -25.17 1.36
C VAL B 580 -13.94 -25.65 2.22
N PHE B 581 -13.64 -26.19 3.39
CA PHE B 581 -14.69 -26.64 4.31
C PHE B 581 -15.08 -25.54 5.29
N SER B 582 -16.24 -24.94 5.04
CA SER B 582 -16.76 -23.83 5.82
C SER B 582 -18.17 -24.17 6.36
N PRO B 583 -18.25 -25.04 7.40
CA PRO B 583 -19.56 -25.44 7.93
C PRO B 583 -20.26 -24.32 8.70
N ASP B 584 -21.59 -24.30 8.65
CA ASP B 584 -22.40 -23.28 9.32
C ASP B 584 -22.23 -23.30 10.85
N THR B 585 -22.03 -24.50 11.41
CA THR B 585 -21.85 -24.64 12.86
C THR B 585 -20.44 -24.24 13.29
N GLY B 586 -19.53 -24.16 12.32
CA GLY B 586 -18.13 -23.87 12.58
C GLY B 586 -17.35 -25.05 13.19
N ALA B 587 -17.99 -26.21 13.30
CA ALA B 587 -17.37 -27.40 13.86
C ALA B 587 -16.47 -28.07 12.82
N VAL B 588 -15.16 -28.05 13.08
CA VAL B 588 -14.16 -28.57 12.14
C VAL B 588 -13.18 -29.58 12.75
N SER B 589 -13.08 -29.61 14.07
CA SER B 589 -12.20 -30.56 14.76
C SER B 589 -12.70 -32.00 14.63
N GLY B 590 -11.79 -32.91 14.29
CA GLY B 590 -12.12 -34.32 14.04
C GLY B 590 -11.22 -34.95 12.99
N SER B 591 -11.74 -35.96 12.28
CA SER B 591 -10.98 -36.64 11.20
C SER B 591 -11.69 -36.57 9.85
N TYR B 592 -10.90 -36.39 8.80
CA TYR B 592 -11.41 -36.29 7.44
C TYR B 592 -10.88 -37.42 6.57
N ARG B 593 -11.73 -37.91 5.67
CA ARG B 593 -11.31 -38.85 4.63
C ARG B 593 -11.97 -38.51 3.30
N VAL B 594 -11.31 -38.86 2.20
CA VAL B 594 -11.77 -38.53 0.84
C VAL B 594 -11.61 -39.73 -0.09
N ARG B 595 -12.61 -39.97 -0.93
CA ARG B 595 -12.53 -41.02 -1.96
C ARG B 595 -13.08 -40.56 -3.31
N ALA B 596 -12.61 -41.19 -4.38
CA ALA B 596 -13.09 -40.91 -5.72
C ALA B 596 -14.42 -41.62 -5.96
N LEU B 597 -15.24 -41.05 -6.84
CA LEU B 597 -16.49 -41.66 -7.28
C LEU B 597 -16.59 -41.55 -8.80
N ASP B 598 -16.70 -42.69 -9.47
CA ASP B 598 -16.70 -42.69 -10.92
C ASP B 598 -18.12 -42.50 -11.49
N TYR B 599 -18.23 -42.56 -12.83
CA TYR B 599 -19.51 -42.36 -13.50
C TYR B 599 -20.54 -43.49 -13.26
N TRP B 600 -20.08 -44.60 -12.69
CA TRP B 600 -20.97 -45.74 -12.45
C TRP B 600 -21.26 -45.92 -10.96
N ALA B 601 -21.11 -44.81 -10.23
CA ALA B 601 -21.30 -44.76 -8.77
C ALA B 601 -20.39 -45.71 -7.99
N ARG B 602 -19.31 -46.15 -8.63
CA ARG B 602 -18.34 -47.00 -7.97
C ARG B 602 -17.32 -46.15 -7.23
N PRO B 603 -17.14 -46.43 -5.93
CA PRO B 603 -16.15 -45.72 -5.14
C PRO B 603 -14.75 -46.31 -5.28
N GLY B 604 -13.73 -45.47 -5.08
CA GLY B 604 -12.36 -45.94 -4.88
C GLY B 604 -12.16 -46.11 -3.38
N PRO B 605 -11.00 -46.65 -2.97
CA PRO B 605 -10.77 -46.76 -1.53
C PRO B 605 -10.57 -45.38 -0.91
N PHE B 606 -10.88 -45.27 0.38
CA PHE B 606 -10.70 -44.02 1.10
C PHE B 606 -9.21 -43.73 1.31
N SER B 607 -8.87 -42.46 1.23
CA SER B 607 -7.54 -41.98 1.63
C SER B 607 -7.33 -42.28 3.12
N ASP B 608 -6.09 -42.28 3.57
CA ASP B 608 -5.83 -42.36 5.00
C ASP B 608 -6.56 -41.22 5.70
N PRO B 609 -7.24 -41.52 6.81
CA PRO B 609 -7.86 -40.48 7.63
C PRO B 609 -6.86 -39.38 8.02
N VAL B 610 -7.29 -38.13 7.97
CA VAL B 610 -6.45 -37.01 8.38
C VAL B 610 -7.10 -36.29 9.55
N PRO B 611 -6.45 -36.33 10.73
CA PRO B 611 -7.00 -35.68 11.91
C PRO B 611 -6.75 -34.17 11.89
N TYR B 612 -7.69 -33.41 12.43
CA TYR B 612 -7.57 -31.96 12.52
C TYR B 612 -8.13 -31.46 13.85
N LEU B 613 -7.30 -30.75 14.59
CA LEU B 613 -7.69 -30.14 15.86
C LEU B 613 -7.45 -28.64 15.77
N GLU B 614 -8.53 -27.87 15.89
CA GLU B 614 -8.45 -26.42 15.79
C GLU B 614 -7.87 -25.82 17.06
N VAL B 615 -6.93 -24.89 16.91
CA VAL B 615 -6.31 -24.19 18.04
C VAL B 615 -7.25 -23.09 18.53
N PRO B 616 -7.77 -23.24 19.77
CA PRO B 616 -8.78 -22.32 20.30
C PRO B 616 -8.16 -21.00 20.77
#